data_7ODH
#
_entry.id   7ODH
#
_cell.length_a   73.606
_cell.length_b   95.676
_cell.length_c   120.824
_cell.angle_alpha   90.000
_cell.angle_beta   90.000
_cell.angle_gamma   90.000
#
_symmetry.space_group_name_H-M   'P 21 21 21'
#
loop_
_entity.id
_entity.type
_entity.pdbx_description
1 polymer 'Uptake hydrogenase large subunit'
2 polymer 'Uptake hydrogenase small subunit'
3 non-polymer 'NI-FE OXIDIZED ACTIVE CENTER'
4 non-polymer 'CHLORIDE ION'
5 non-polymer 'MAGNESIUM ION'
6 non-polymer 'IRON/SULFUR CLUSTER'
7 non-polymer 'OXYGEN ATOM'
8 non-polymer 'FE4-S3 CLUSTER'
9 water water
#
loop_
_entity_poly.entity_id
_entity_poly.type
_entity_poly.pdbx_seq_one_letter_code
_entity_poly.pdbx_strand_id
1 'polypeptide(L)'
;MSAYATQGFNLDDRGRRIVVDPVTRIEGHMRCEVNVDANNVIRNAVSTGTMWRGLEVILKGRDPRDAWAFVERICGVCTG
CHALASVRAVENALDIRIPKNAHLIREIMAKTLQVHDHAVHFYHLHALDWVDVMSALKADPKRTSELQQLVSPAHPLSSA
GYFRDIQNRLKRFVESGQLGPFMNGYWGSKAYVLPPEANLMAVTHYLEALDLQKEWVKIHTIFGGKNPHPNYLVGGVPCA
INLDGIGAASAPVNMERLSFVKARIDEIIEFNKNVYVPDVLAIGTLYKQAGWLYGGGLAATNVLDYGEYPNVAYNKSTDQ
LPGGAILNGNWDEVFPVDPRDSQQVQEFVSHSWYKYADESVGLHPWDGVTEPNYVLGANTKGTRTRIEQIDESAKYSWIK
SPRWRGHAMEVGPLSRYILAYAHARSGNKYAERPKEQLEYSAQMINSAIPKALGLPETQYTLKQLLPSTIGRTLARALES
QYCGEMMHSDWHDLVANIRAGDTATANVDKWDPATWPLQAKGVGTVAAPRGALGHWIRIKDGRIENYQCVVPTTWNGSPR
DYKGQIGAFEASLMNTPMVNPEQPVEILRTLHSFDPCLACSTH
;
L
2 'polypeptide(L)'
;METKPRTPVLWLHGLECT(CSO)(CSO)SESFIRSAHPLAKDVVLSMISLDYDDTLMAAAGHQAEAILEEIMTKYKGNYI
LAVEGNPPLNQDGMSCIIGGRPFIEQLKYVAKDAKAIISWGSCASWG(CSO)VQAAKPNPTQATPVHKVITDKPIIKVPG
CPPIAEVMTGVITYMLTFDRIPELDRQGRPKMFYSQRIHDKCYRRPHFDAGQFVEEWDDESARKGFCLYKMGCKGPTTYN
ACSTTRWNEGTSFCIQSGHGCIGCSEDGFWDKGSFYDRLTGISQFGVEANADKIGGTASVVVGAAVTAHAAASAIKRASK
KNETSGSEHRSAWSHPQFEK
;
S
#
# COMPACT_ATOMS: atom_id res chain seq x y z
N ALA A 3 32.07 14.28 -5.84
CA ALA A 3 32.08 13.59 -4.52
C ALA A 3 31.83 14.62 -3.41
N TYR A 4 31.00 14.26 -2.41
CA TYR A 4 30.92 14.98 -1.13
C TYR A 4 30.54 14.01 -0.02
N ALA A 5 30.88 14.38 1.21
CA ALA A 5 30.59 13.61 2.44
C ALA A 5 29.35 14.21 3.10
N THR A 6 28.44 13.34 3.53
CA THR A 6 27.23 13.74 4.29
C THR A 6 26.80 12.57 5.15
N GLN A 7 26.53 12.83 6.43
CA GLN A 7 25.92 11.86 7.38
C GLN A 7 26.81 10.60 7.49
N GLY A 8 28.12 10.75 7.34
CA GLY A 8 29.08 9.64 7.45
C GLY A 8 29.17 8.80 6.19
N PHE A 9 28.53 9.26 5.09
CA PHE A 9 28.59 8.61 3.76
C PHE A 9 29.46 9.45 2.83
N ASN A 10 30.36 8.78 2.10
CA ASN A 10 31.23 9.41 1.09
C ASN A 10 30.59 9.16 -0.28
N LEU A 11 29.78 10.11 -0.77
CA LEU A 11 29.08 10.01 -2.08
C LEU A 11 30.11 10.24 -3.18
N ASP A 12 30.09 9.43 -4.23
CA ASP A 12 30.99 9.56 -5.39
C ASP A 12 30.23 9.16 -6.64
N ASP A 13 30.09 10.06 -7.62
CA ASP A 13 29.34 9.82 -8.87
C ASP A 13 30.30 9.60 -10.04
N ARG A 14 31.57 9.29 -9.80
CA ARG A 14 32.58 9.14 -10.88
C ARG A 14 32.52 7.73 -11.48
N GLY A 15 31.90 6.78 -10.80
CA GLY A 15 31.86 5.37 -11.22
C GLY A 15 30.83 5.12 -12.32
N ARG A 16 30.64 3.84 -12.65
CA ARG A 16 29.70 3.40 -13.69
C ARG A 16 28.26 3.70 -13.25
N ARG A 17 27.49 4.35 -14.12
CA ARG A 17 26.08 4.72 -13.83
C ARG A 17 25.17 3.57 -14.26
N ILE A 18 24.27 3.18 -13.36
CA ILE A 18 23.26 2.10 -13.55
C ILE A 18 21.88 2.72 -13.34
N VAL A 19 20.94 2.43 -14.24
CA VAL A 19 19.55 2.96 -14.19
C VAL A 19 18.60 1.79 -13.99
N VAL A 20 17.67 1.93 -13.03
CA VAL A 20 16.54 0.97 -12.83
C VAL A 20 15.25 1.77 -12.96
N ASP A 21 14.59 1.65 -14.12
CA ASP A 21 13.34 2.39 -14.40
C ASP A 21 12.55 1.57 -15.40
N PRO A 22 11.45 0.89 -14.99
CA PRO A 22 10.83 1.05 -13.68
C PRO A 22 11.43 0.17 -12.56
N VAL A 23 11.38 0.69 -11.33
CA VAL A 23 11.49 -0.17 -10.12
C VAL A 23 10.14 -0.89 -9.98
N THR A 24 10.16 -2.22 -10.07
CA THR A 24 8.93 -3.04 -10.02
C THR A 24 8.78 -3.61 -8.60
N ARG A 25 7.67 -4.30 -8.35
CA ARG A 25 7.32 -4.88 -7.03
C ARG A 25 7.41 -3.79 -5.98
N ILE A 26 6.86 -2.64 -6.33
CA ILE A 26 6.49 -1.55 -5.39
C ILE A 26 5.07 -1.15 -5.74
N GLU A 27 4.49 -0.27 -4.95
CA GLU A 27 3.31 0.49 -5.38
C GLU A 27 3.81 1.71 -6.15
N GLY A 28 3.22 1.94 -7.32
CA GLY A 28 3.42 3.19 -8.06
C GLY A 28 4.75 3.21 -8.81
N HIS A 29 5.27 4.40 -9.03
CA HIS A 29 6.31 4.67 -10.03
C HIS A 29 7.56 5.24 -9.35
N MET A 30 8.68 4.55 -9.54
CA MET A 30 10.00 4.99 -9.06
C MET A 30 11.06 4.68 -10.10
N ARG A 31 12.01 5.61 -10.22
CA ARG A 31 13.30 5.42 -10.92
C ARG A 31 14.39 5.44 -9.87
N CYS A 32 15.36 4.54 -10.01
CA CYS A 32 16.57 4.53 -9.17
C CYS A 32 17.79 4.57 -10.07
N GLU A 33 18.75 5.44 -9.76
CA GLU A 33 20.08 5.40 -10.41
C GLU A 33 21.13 5.22 -9.34
N VAL A 34 22.19 4.47 -9.66
CA VAL A 34 23.37 4.34 -8.77
C VAL A 34 24.64 4.56 -9.59
N ASN A 35 25.72 4.87 -8.91
CA ASN A 35 27.08 4.73 -9.47
C ASN A 35 27.77 3.61 -8.71
N VAL A 36 28.48 2.75 -9.43
CA VAL A 36 29.29 1.66 -8.80
C VAL A 36 30.77 1.88 -9.09
N ASP A 37 31.61 1.47 -8.14
CA ASP A 37 33.08 1.62 -8.26
C ASP A 37 33.64 0.44 -9.06
N ALA A 38 34.97 0.35 -9.11
CA ALA A 38 35.70 -0.64 -9.93
C ALA A 38 35.35 -2.06 -9.49
N ASN A 39 34.81 -2.22 -8.29
CA ASN A 39 34.50 -3.56 -7.72
C ASN A 39 32.99 -3.71 -7.57
N ASN A 40 32.21 -2.93 -8.32
CA ASN A 40 30.73 -3.07 -8.40
C ASN A 40 30.07 -2.68 -7.07
N VAL A 41 30.71 -1.82 -6.27
CA VAL A 41 30.15 -1.36 -4.98
C VAL A 41 29.44 -0.03 -5.23
N ILE A 42 28.21 0.07 -4.76
CA ILE A 42 27.42 1.32 -4.90
C ILE A 42 28.10 2.42 -4.08
N ARG A 43 28.40 3.55 -4.72
CA ARG A 43 29.05 4.71 -4.06
C ARG A 43 28.20 5.97 -4.22
N ASN A 44 27.06 5.86 -4.89
CA ASN A 44 26.09 6.97 -5.07
C ASN A 44 24.74 6.35 -5.38
N ALA A 45 23.68 6.94 -4.86
CA ALA A 45 22.31 6.43 -5.09
C ALA A 45 21.36 7.61 -5.20
N VAL A 46 20.42 7.49 -6.11
CA VAL A 46 19.48 8.58 -6.50
C VAL A 46 18.06 8.00 -6.52
N SER A 47 17.21 8.52 -5.66
CA SER A 47 15.78 8.13 -5.55
C SER A 47 14.93 9.14 -6.30
N THR A 48 14.23 8.71 -7.36
CA THR A 48 13.34 9.58 -8.16
C THR A 48 11.90 9.05 -8.10
N GLY A 49 11.01 9.79 -7.45
CA GLY A 49 9.57 9.51 -7.54
C GLY A 49 9.06 9.98 -8.90
N THR A 50 8.49 9.07 -9.70
CA THR A 50 8.16 9.33 -11.11
C THR A 50 6.64 9.48 -11.30
N MET A 51 5.92 9.95 -10.29
CA MET A 51 4.48 10.25 -10.45
C MET A 51 4.08 11.39 -9.52
N TRP A 52 3.00 12.07 -9.88
CA TRP A 52 2.33 13.07 -9.02
C TRP A 52 0.89 13.23 -9.49
N ARG A 53 -0.04 13.40 -8.56
CA ARG A 53 -1.48 13.57 -8.85
C ARG A 53 -2.00 14.91 -8.31
N GLY A 54 -1.47 15.40 -7.19
CA GLY A 54 -1.86 16.72 -6.66
C GLY A 54 -3.12 16.68 -5.80
N LEU A 55 -3.25 15.70 -4.91
CA LEU A 55 -4.41 15.61 -3.99
C LEU A 55 -4.49 16.86 -3.11
N GLU A 56 -3.35 17.40 -2.68
CA GLU A 56 -3.34 18.57 -1.77
C GLU A 56 -4.02 19.76 -2.46
N VAL A 57 -3.82 19.90 -3.78
CA VAL A 57 -4.41 20.99 -4.59
C VAL A 57 -5.91 20.72 -4.75
N ILE A 58 -6.27 19.48 -5.05
CA ILE A 58 -7.67 19.07 -5.33
C ILE A 58 -8.55 19.31 -4.10
N LEU A 59 -8.01 19.15 -2.89
CA LEU A 59 -8.82 19.29 -1.66
C LEU A 59 -9.26 20.73 -1.40
N LYS A 60 -8.54 21.72 -1.92
CA LYS A 60 -8.82 23.14 -1.58
C LYS A 60 -10.29 23.46 -1.88
N GLY A 61 -10.97 24.07 -0.90
CA GLY A 61 -12.34 24.59 -1.05
C GLY A 61 -13.40 23.54 -0.79
N ARG A 62 -13.04 22.28 -0.55
CA ARG A 62 -14.01 21.20 -0.33
C ARG A 62 -14.40 21.12 1.15
N ASP A 63 -15.37 20.28 1.47
CA ASP A 63 -15.90 20.15 2.84
C ASP A 63 -14.97 19.23 3.62
N PRO A 64 -14.47 19.66 4.80
CA PRO A 64 -13.61 18.79 5.61
C PRO A 64 -14.20 17.40 5.88
N ARG A 65 -15.53 17.28 5.93
CA ARG A 65 -16.18 15.98 6.22
C ARG A 65 -15.99 15.00 5.06
N ASP A 66 -15.77 15.52 3.85
CA ASP A 66 -15.59 14.70 2.63
C ASP A 66 -14.12 14.32 2.45
N ALA A 67 -13.20 15.00 3.13
CA ALA A 67 -11.76 14.90 2.79
C ALA A 67 -11.30 13.45 2.87
N TRP A 68 -11.78 12.69 3.86
CA TRP A 68 -11.22 11.34 4.13
C TRP A 68 -11.32 10.49 2.85
N ALA A 69 -12.41 10.65 2.09
CA ALA A 69 -12.67 9.78 0.93
C ALA A 69 -11.71 10.14 -0.20
N PHE A 70 -11.40 11.42 -0.38
CA PHE A 70 -10.43 11.90 -1.39
C PHE A 70 -9.04 11.38 -1.04
N VAL A 71 -8.60 11.63 0.19
CA VAL A 71 -7.21 11.28 0.58
C VAL A 71 -7.07 9.77 0.76
N GLU A 72 -8.15 9.03 0.99
CA GLU A 72 -8.04 7.56 1.04
C GLU A 72 -7.48 7.09 -0.30
N ARG A 73 -7.86 7.76 -1.38
CA ARG A 73 -7.43 7.39 -2.75
C ARG A 73 -6.01 7.90 -3.05
N ILE A 74 -5.28 8.40 -2.06
CA ILE A 74 -3.81 8.51 -2.20
C ILE A 74 -3.28 7.10 -2.47
N CYS A 75 -3.85 6.08 -1.85
CA CYS A 75 -3.25 4.73 -1.93
C CYS A 75 -4.25 3.62 -1.61
N GLY A 76 -4.29 2.63 -2.49
CA GLY A 76 -5.14 1.45 -2.32
C GLY A 76 -4.41 0.28 -1.68
N VAL A 77 -3.11 0.39 -1.50
CA VAL A 77 -2.30 -0.64 -0.80
C VAL A 77 -2.38 -0.36 0.70
N CYS A 78 -1.98 0.83 1.14
CA CYS A 78 -2.17 1.26 2.56
C CYS A 78 -3.60 1.82 2.72
N THR A 79 -4.59 1.04 2.29
CA THR A 79 -5.98 1.53 2.12
C THR A 79 -6.60 1.80 3.50
N GLY A 80 -7.06 3.03 3.68
CA GLY A 80 -7.74 3.47 4.90
C GLY A 80 -6.84 4.26 5.83
N CYS A 81 -5.51 4.12 5.78
CA CYS A 81 -4.66 4.83 6.76
C CYS A 81 -4.78 6.34 6.51
N HIS A 82 -4.93 6.77 5.26
CA HIS A 82 -5.13 8.22 4.96
C HIS A 82 -6.50 8.67 5.42
N ALA A 83 -7.51 7.82 5.29
CA ALA A 83 -8.87 8.15 5.79
C ALA A 83 -8.79 8.37 7.30
N LEU A 84 -8.08 7.50 8.01
CA LEU A 84 -7.92 7.62 9.47
C LEU A 84 -7.19 8.92 9.81
N ALA A 85 -6.10 9.23 9.11
CA ALA A 85 -5.35 10.48 9.38
C ALA A 85 -6.29 11.67 9.17
N SER A 86 -7.11 11.61 8.13
CA SER A 86 -7.99 12.72 7.73
C SER A 86 -9.05 12.97 8.80
N VAL A 87 -9.78 11.93 9.18
CA VAL A 87 -10.84 12.13 10.21
C VAL A 87 -10.19 12.56 11.52
N ARG A 88 -9.00 12.05 11.86
CA ARG A 88 -8.29 12.50 13.08
C ARG A 88 -7.95 13.98 12.94
N ALA A 89 -7.47 14.43 11.78
CA ALA A 89 -7.07 15.84 11.59
C ALA A 89 -8.31 16.76 11.74
N VAL A 90 -9.43 16.38 11.15
CA VAL A 90 -10.67 17.19 11.21
C VAL A 90 -11.19 17.19 12.66
N GLU A 91 -11.18 16.04 13.32
CA GLU A 91 -11.63 15.94 14.73
C GLU A 91 -10.72 16.80 15.60
N ASN A 92 -9.42 16.82 15.32
CA ASN A 92 -8.45 17.63 16.08
C ASN A 92 -8.78 19.13 15.87
N ALA A 93 -9.03 19.53 14.63
CA ALA A 93 -9.34 20.94 14.28
C ALA A 93 -10.62 21.38 15.00
N LEU A 94 -11.62 20.52 15.07
CA LEU A 94 -12.98 20.90 15.53
C LEU A 94 -13.23 20.48 16.98
N ASP A 95 -12.22 19.93 17.66
CA ASP A 95 -12.33 19.49 19.08
CA ASP A 95 -12.33 19.49 19.09
C ASP A 95 -13.46 18.46 19.22
N ILE A 96 -13.46 17.45 18.37
CA ILE A 96 -14.43 16.31 18.42
C ILE A 96 -13.74 15.13 19.09
N ARG A 97 -14.32 14.58 20.15
CA ARG A 97 -13.87 13.31 20.76
C ARG A 97 -14.82 12.20 20.33
N ILE A 98 -14.29 11.14 19.71
CA ILE A 98 -15.11 10.01 19.21
C ILE A 98 -15.41 9.07 20.37
N PRO A 99 -16.53 8.32 20.30
CA PRO A 99 -16.85 7.36 21.35
C PRO A 99 -15.91 6.15 21.34
N LYS A 100 -15.86 5.45 22.46
CA LYS A 100 -14.93 4.33 22.69
C LYS A 100 -15.08 3.26 21.60
N ASN A 101 -16.31 2.91 21.22
CA ASN A 101 -16.49 1.84 20.21
C ASN A 101 -15.89 2.28 18.86
N ALA A 102 -16.04 3.55 18.51
CA ALA A 102 -15.46 4.07 17.24
C ALA A 102 -13.94 3.99 17.32
N HIS A 103 -13.36 4.37 18.45
CA HIS A 103 -11.90 4.27 18.68
C HIS A 103 -11.47 2.82 18.46
N LEU A 104 -12.13 1.87 19.11
CA LEU A 104 -11.69 0.45 19.04
C LEU A 104 -11.88 -0.09 17.63
N ILE A 105 -12.96 0.25 16.95
CA ILE A 105 -13.20 -0.23 15.57
C ILE A 105 -12.13 0.35 14.63
N ARG A 106 -11.81 1.63 14.77
CA ARG A 106 -10.71 2.22 13.96
C ARG A 106 -9.38 1.51 14.25
N GLU A 107 -9.10 1.20 15.51
CA GLU A 107 -7.83 0.50 15.87
C GLU A 107 -7.81 -0.89 15.23
N ILE A 108 -8.92 -1.61 15.27
CA ILE A 108 -9.00 -2.97 14.66
C ILE A 108 -8.81 -2.83 13.15
N MET A 109 -9.43 -1.84 12.51
CA MET A 109 -9.25 -1.64 11.06
C MET A 109 -7.78 -1.30 10.76
N ALA A 110 -7.14 -0.48 11.60
CA ALA A 110 -5.74 -0.08 11.38
C ALA A 110 -4.83 -1.31 11.49
N LYS A 111 -5.06 -2.14 12.49
CA LYS A 111 -4.20 -3.32 12.76
C LYS A 111 -4.46 -4.39 11.70
N THR A 112 -5.67 -4.49 11.19
CA THR A 112 -6.00 -5.36 10.03
C THR A 112 -5.18 -4.90 8.82
N LEU A 113 -5.15 -3.61 8.54
CA LEU A 113 -4.34 -3.10 7.41
C LEU A 113 -2.88 -3.46 7.63
N GLN A 114 -2.36 -3.28 8.85
CA GLN A 114 -0.93 -3.54 9.12
C GLN A 114 -0.61 -4.98 8.72
N VAL A 115 -1.42 -5.93 9.16
CA VAL A 115 -1.15 -7.37 8.91
C VAL A 115 -1.27 -7.63 7.41
N HIS A 116 -2.35 -7.19 6.78
CA HIS A 116 -2.57 -7.50 5.36
C HIS A 116 -1.44 -6.90 4.53
N ASP A 117 -1.17 -5.63 4.76
CA ASP A 117 -0.14 -4.88 4.00
C ASP A 117 1.23 -5.54 4.20
N HIS A 118 1.59 -5.83 5.46
CA HIS A 118 2.93 -6.40 5.76
C HIS A 118 3.09 -7.77 5.11
N ALA A 119 2.12 -8.66 5.28
CA ALA A 119 2.25 -10.06 4.82
C ALA A 119 2.23 -10.10 3.29
N VAL A 120 1.37 -9.32 2.65
CA VAL A 120 1.34 -9.27 1.16
C VAL A 120 2.65 -8.64 0.67
N HIS A 121 3.14 -7.62 1.35
CA HIS A 121 4.44 -7.02 0.94
C HIS A 121 5.49 -8.12 0.95
N PHE A 122 5.66 -8.81 2.07
CA PHE A 122 6.79 -9.73 2.20
C PHE A 122 6.69 -10.81 1.12
N TYR A 123 5.54 -11.46 1.00
CA TYR A 123 5.44 -12.64 0.09
C TYR A 123 5.40 -12.17 -1.37
N HIS A 124 4.55 -11.21 -1.71
CA HIS A 124 4.19 -10.95 -3.12
C HIS A 124 5.10 -9.88 -3.74
N LEU A 125 5.73 -9.05 -2.93
CA LEU A 125 6.62 -7.99 -3.48
C LEU A 125 8.09 -8.28 -3.10
N HIS A 126 8.37 -8.68 -1.87
CA HIS A 126 9.77 -8.77 -1.36
C HIS A 126 10.39 -10.14 -1.63
N ALA A 127 9.64 -11.23 -1.50
CA ALA A 127 10.22 -12.58 -1.37
C ALA A 127 11.10 -12.88 -2.58
N LEU A 128 10.73 -12.44 -3.79
CA LEU A 128 11.47 -12.81 -5.02
C LEU A 128 12.85 -12.13 -5.05
N ASP A 129 13.18 -11.27 -4.09
CA ASP A 129 14.55 -10.71 -3.94
C ASP A 129 15.44 -11.64 -3.12
N TRP A 130 14.83 -12.58 -2.39
CA TRP A 130 15.53 -13.52 -1.49
C TRP A 130 15.42 -14.95 -2.02
N VAL A 131 14.34 -15.22 -2.76
CA VAL A 131 13.89 -16.58 -3.15
C VAL A 131 14.06 -16.73 -4.66
N ASP A 132 14.76 -17.78 -5.08
CA ASP A 132 14.93 -18.15 -6.50
C ASP A 132 13.89 -19.21 -6.84
N VAL A 133 12.86 -18.84 -7.59
CA VAL A 133 11.71 -19.74 -7.93
CA VAL A 133 11.73 -19.77 -7.88
C VAL A 133 12.22 -20.93 -8.75
N MET A 134 13.23 -20.71 -9.59
CA MET A 134 13.75 -21.78 -10.47
C MET A 134 14.52 -22.81 -9.64
N SER A 135 15.19 -22.37 -8.57
CA SER A 135 15.87 -23.28 -7.61
C SER A 135 14.83 -24.15 -6.88
N ALA A 136 13.64 -23.63 -6.61
CA ALA A 136 12.52 -24.39 -5.97
C ALA A 136 12.22 -25.64 -6.79
N LEU A 137 12.41 -25.60 -8.11
CA LEU A 137 12.12 -26.75 -9.03
C LEU A 137 13.07 -27.92 -8.74
N LYS A 138 14.23 -27.66 -8.14
CA LYS A 138 15.29 -28.68 -7.87
C LYS A 138 15.12 -29.28 -6.48
N ALA A 139 14.23 -28.73 -5.66
CA ALA A 139 14.06 -29.12 -4.24
C ALA A 139 13.60 -30.58 -4.13
N ASP A 140 14.06 -31.27 -3.10
CA ASP A 140 13.54 -32.60 -2.67
C ASP A 140 12.31 -32.36 -1.79
N PRO A 141 11.10 -32.84 -2.18
CA PRO A 141 9.91 -32.65 -1.35
C PRO A 141 10.06 -33.14 0.10
N LYS A 142 10.75 -34.26 0.34
CA LYS A 142 10.93 -34.80 1.71
C LYS A 142 11.81 -33.84 2.53
N ARG A 143 12.92 -33.38 1.98
CA ARG A 143 13.85 -32.45 2.69
C ARG A 143 13.14 -31.10 2.89
N THR A 144 12.23 -30.72 1.98
CA THR A 144 11.40 -29.50 2.13
C THR A 144 10.46 -29.68 3.32
N SER A 145 9.82 -30.86 3.42
CA SER A 145 8.95 -31.23 4.57
C SER A 145 9.75 -31.12 5.88
N GLU A 146 10.98 -31.65 5.89
CA GLU A 146 11.85 -31.67 7.09
C GLU A 146 12.25 -30.23 7.46
N LEU A 147 12.57 -29.41 6.47
CA LEU A 147 12.89 -27.97 6.71
C LEU A 147 11.67 -27.28 7.33
N GLN A 148 10.49 -27.49 6.75
CA GLN A 148 9.22 -26.85 7.22
C GLN A 148 9.01 -27.20 8.69
N GLN A 149 9.23 -28.46 9.08
CA GLN A 149 8.99 -28.93 10.47
C GLN A 149 10.01 -28.27 11.42
N LEU A 150 11.22 -27.98 10.95
CA LEU A 150 12.28 -27.28 11.76
C LEU A 150 11.95 -25.78 11.86
N VAL A 151 11.54 -25.17 10.76
CA VAL A 151 11.30 -23.69 10.68
C VAL A 151 10.05 -23.34 11.49
N SER A 152 9.00 -24.17 11.40
CA SER A 152 7.70 -23.91 12.06
C SER A 152 6.99 -25.22 12.37
N PRO A 153 7.30 -25.86 13.52
CA PRO A 153 6.70 -27.16 13.84
C PRO A 153 5.17 -27.14 13.92
N ALA A 154 4.54 -25.99 14.19
CA ALA A 154 3.09 -25.88 14.45
C ALA A 154 2.30 -25.70 13.14
N HIS A 155 2.97 -25.35 12.03
CA HIS A 155 2.29 -25.15 10.72
C HIS A 155 1.82 -26.50 10.18
N PRO A 156 0.50 -26.73 10.02
CA PRO A 156 -0.02 -28.05 9.66
C PRO A 156 0.32 -28.51 8.23
N LEU A 157 0.61 -27.56 7.32
CA LEU A 157 0.82 -27.84 5.87
C LEU A 157 2.31 -28.13 5.64
N SER A 158 2.75 -29.37 5.86
CA SER A 158 4.19 -29.71 5.98
C SER A 158 4.56 -31.02 5.29
N SER A 159 3.60 -31.78 4.75
CA SER A 159 3.86 -33.14 4.20
C SER A 159 4.70 -33.05 2.93
N ALA A 160 5.54 -34.05 2.66
CA ALA A 160 6.29 -34.21 1.40
C ALA A 160 5.33 -34.16 0.21
N GLY A 161 4.18 -34.84 0.32
CA GLY A 161 3.15 -34.90 -0.74
C GLY A 161 2.64 -33.52 -1.10
N TYR A 162 2.38 -32.68 -0.09
CA TYR A 162 1.90 -31.29 -0.26
C TYR A 162 2.95 -30.50 -1.06
N PHE A 163 4.20 -30.53 -0.62
CA PHE A 163 5.31 -29.77 -1.25
C PHE A 163 5.56 -30.30 -2.67
N ARG A 164 5.41 -31.62 -2.87
CA ARG A 164 5.55 -32.26 -4.20
C ARG A 164 4.48 -31.72 -5.15
N ASP A 165 3.23 -31.61 -4.68
CA ASP A 165 2.07 -31.14 -5.49
C ASP A 165 2.29 -29.67 -5.90
N ILE A 166 2.75 -28.82 -4.99
CA ILE A 166 3.03 -27.39 -5.28
C ILE A 166 4.17 -27.33 -6.31
N GLN A 167 5.24 -28.09 -6.08
CA GLN A 167 6.42 -28.13 -6.99
C GLN A 167 5.96 -28.54 -8.40
N ASN A 168 5.09 -29.54 -8.50
CA ASN A 168 4.59 -30.05 -9.80
C ASN A 168 3.81 -28.95 -10.52
N ARG A 169 3.01 -28.16 -9.81
CA ARG A 169 2.24 -27.06 -10.45
C ARG A 169 3.21 -26.00 -10.98
N LEU A 170 4.24 -25.65 -10.21
CA LEU A 170 5.29 -24.68 -10.62
CA LEU A 170 5.28 -24.68 -10.63
C LEU A 170 6.02 -25.23 -11.85
N LYS A 171 6.35 -26.52 -11.85
CA LYS A 171 7.03 -27.20 -12.99
CA LYS A 171 7.04 -27.19 -12.99
C LYS A 171 6.20 -27.05 -14.26
N ARG A 172 4.91 -27.41 -14.19
CA ARG A 172 3.97 -27.36 -15.34
C ARG A 172 3.90 -25.91 -15.85
N PHE A 173 3.82 -24.95 -14.94
CA PHE A 173 3.73 -23.50 -15.25
C PHE A 173 4.99 -23.07 -16.02
N VAL A 174 6.17 -23.40 -15.49
CA VAL A 174 7.47 -22.98 -16.10
C VAL A 174 7.66 -23.71 -17.43
N GLU A 175 7.31 -25.00 -17.49
CA GLU A 175 7.53 -25.84 -18.69
C GLU A 175 6.60 -25.38 -19.84
N SER A 176 5.54 -24.64 -19.53
CA SER A 176 4.61 -24.08 -20.55
C SER A 176 5.33 -23.06 -21.44
N GLY A 177 6.44 -22.49 -20.98
CA GLY A 177 7.17 -21.42 -21.69
C GLY A 177 6.54 -20.05 -21.51
N GLN A 178 5.41 -19.97 -20.79
CA GLN A 178 4.77 -18.68 -20.42
C GLN A 178 5.01 -18.45 -18.92
N LEU A 179 6.11 -17.79 -18.58
CA LEU A 179 6.61 -17.66 -17.19
CA LEU A 179 6.57 -17.69 -17.18
C LEU A 179 5.85 -16.54 -16.45
N GLY A 180 5.08 -15.72 -17.18
CA GLY A 180 4.26 -14.66 -16.57
C GLY A 180 5.08 -13.80 -15.60
N PRO A 181 4.69 -13.68 -14.31
CA PRO A 181 5.43 -12.84 -13.36
C PRO A 181 6.89 -13.25 -13.14
N PHE A 182 7.31 -14.42 -13.61
CA PHE A 182 8.70 -14.92 -13.44
C PHE A 182 9.53 -14.64 -14.69
N MET A 183 8.92 -14.09 -15.73
CA MET A 183 9.59 -13.83 -17.03
C MET A 183 10.78 -12.90 -16.85
N ASN A 184 11.93 -13.22 -17.45
CA ASN A 184 13.14 -12.35 -17.50
C ASN A 184 13.64 -12.06 -16.07
N GLY A 185 13.36 -12.94 -15.10
CA GLY A 185 13.83 -12.80 -13.72
C GLY A 185 15.33 -13.03 -13.61
N TYR A 186 15.88 -12.81 -12.41
CA TYR A 186 17.35 -12.84 -12.14
C TYR A 186 17.74 -14.20 -11.57
N TRP A 187 16.93 -15.23 -11.87
CA TRP A 187 17.11 -16.61 -11.37
C TRP A 187 18.53 -17.08 -11.67
N GLY A 188 19.16 -17.72 -10.69
CA GLY A 188 20.51 -18.29 -10.83
C GLY A 188 21.61 -17.30 -10.48
N SER A 189 21.27 -16.03 -10.22
CA SER A 189 22.25 -15.03 -9.72
C SER A 189 22.94 -15.57 -8.46
N LYS A 190 24.25 -15.36 -8.34
CA LYS A 190 25.00 -15.69 -7.10
C LYS A 190 24.51 -14.83 -5.92
N ALA A 191 23.71 -13.78 -6.17
CA ALA A 191 23.11 -12.96 -5.09
C ALA A 191 22.08 -13.79 -4.31
N TYR A 192 21.55 -14.85 -4.90
CA TYR A 192 20.61 -15.78 -4.23
C TYR A 192 21.42 -16.84 -3.47
N VAL A 193 21.11 -17.09 -2.20
CA VAL A 193 21.94 -18.01 -1.35
C VAL A 193 21.09 -19.15 -0.78
N LEU A 194 19.76 -19.12 -0.87
CA LEU A 194 18.92 -20.17 -0.22
C LEU A 194 19.14 -21.51 -0.92
N PRO A 195 19.07 -22.63 -0.18
CA PRO A 195 19.04 -23.94 -0.79
C PRO A 195 17.68 -24.18 -1.45
N PRO A 196 17.60 -25.13 -2.41
CA PRO A 196 16.35 -25.40 -3.12
C PRO A 196 15.14 -25.59 -2.19
N GLU A 197 15.33 -26.28 -1.06
CA GLU A 197 14.23 -26.64 -0.13
C GLU A 197 13.64 -25.38 0.48
N ALA A 198 14.47 -24.39 0.85
CA ALA A 198 14.01 -23.11 1.42
C ALA A 198 13.25 -22.33 0.34
N ASN A 199 13.72 -22.36 -0.90
CA ASN A 199 13.02 -21.73 -2.04
C ASN A 199 11.63 -22.35 -2.22
N LEU A 200 11.52 -23.68 -2.20
CA LEU A 200 10.22 -24.34 -2.44
C LEU A 200 9.27 -24.04 -1.27
N MET A 201 9.77 -24.07 -0.04
CA MET A 201 8.96 -23.72 1.15
C MET A 201 8.41 -22.28 0.98
N ALA A 202 9.26 -21.33 0.58
CA ALA A 202 8.87 -19.92 0.44
C ALA A 202 7.84 -19.74 -0.69
N VAL A 203 8.04 -20.39 -1.84
CA VAL A 203 7.08 -20.29 -2.98
C VAL A 203 5.74 -20.88 -2.53
N THR A 204 5.77 -21.97 -1.76
CA THR A 204 4.54 -22.61 -1.24
C THR A 204 3.79 -21.58 -0.38
N HIS A 205 4.51 -20.86 0.48
CA HIS A 205 3.91 -19.87 1.39
C HIS A 205 3.43 -18.63 0.61
N TYR A 206 4.12 -18.27 -0.47
CA TYR A 206 3.67 -17.21 -1.42
C TYR A 206 2.23 -17.54 -1.85
N LEU A 207 2.00 -18.78 -2.28
CA LEU A 207 0.68 -19.21 -2.78
C LEU A 207 -0.32 -19.28 -1.61
N GLU A 208 0.09 -19.78 -0.44
CA GLU A 208 -0.79 -19.84 0.76
C GLU A 208 -1.24 -18.42 1.12
N ALA A 209 -0.30 -17.47 1.16
CA ALA A 209 -0.58 -16.06 1.54
C ALA A 209 -1.51 -15.42 0.51
N LEU A 210 -1.35 -15.72 -0.77
CA LEU A 210 -2.18 -15.11 -1.85
C LEU A 210 -3.65 -15.53 -1.63
N ASP A 211 -3.89 -16.77 -1.24
CA ASP A 211 -5.28 -17.27 -1.01
C ASP A 211 -5.83 -16.70 0.30
N LEU A 212 -5.01 -16.59 1.36
CA LEU A 212 -5.49 -16.22 2.72
C LEU A 212 -5.70 -14.71 2.85
N GLN A 213 -4.91 -13.88 2.16
CA GLN A 213 -4.93 -12.42 2.40
C GLN A 213 -6.34 -11.87 2.17
N LYS A 214 -7.13 -12.47 1.28
CA LYS A 214 -8.48 -11.96 0.94
C LYS A 214 -9.43 -12.19 2.13
N GLU A 215 -9.13 -13.13 3.01
CA GLU A 215 -9.99 -13.41 4.19
C GLU A 215 -9.79 -12.30 5.21
N TRP A 216 -8.54 -11.89 5.44
CA TRP A 216 -8.19 -10.95 6.54
C TRP A 216 -8.97 -9.65 6.37
N VAL A 217 -9.09 -9.18 5.12
CA VAL A 217 -9.69 -7.83 4.85
C VAL A 217 -11.20 -7.86 5.06
N LYS A 218 -11.81 -9.03 5.25
CA LYS A 218 -13.28 -9.08 5.53
C LYS A 218 -13.58 -8.36 6.84
N ILE A 219 -12.59 -8.14 7.70
CA ILE A 219 -12.75 -7.26 8.90
C ILE A 219 -13.05 -5.83 8.43
N HIS A 220 -12.29 -5.31 7.47
CA HIS A 220 -12.60 -4.00 6.85
C HIS A 220 -14.01 -4.03 6.26
N THR A 221 -14.38 -5.11 5.59
CA THR A 221 -15.68 -5.17 4.89
C THR A 221 -16.82 -5.03 5.91
N ILE A 222 -16.70 -5.68 7.06
CA ILE A 222 -17.75 -5.62 8.13
CA ILE A 222 -17.78 -5.61 8.08
C ILE A 222 -17.88 -4.17 8.60
N PHE A 223 -16.78 -3.57 9.04
CA PHE A 223 -16.85 -2.25 9.70
C PHE A 223 -16.92 -1.10 8.70
N GLY A 224 -16.39 -1.29 7.48
CA GLY A 224 -16.17 -0.21 6.50
C GLY A 224 -16.80 -0.49 5.14
N GLY A 225 -17.55 -1.58 4.99
CA GLY A 225 -18.38 -1.84 3.80
C GLY A 225 -17.65 -2.57 2.68
N LYS A 226 -16.33 -2.36 2.53
CA LYS A 226 -15.57 -2.87 1.37
CA LYS A 226 -15.58 -2.85 1.36
C LYS A 226 -14.07 -2.78 1.63
N ASN A 227 -13.32 -3.59 0.92
CA ASN A 227 -11.85 -3.49 0.83
C ASN A 227 -11.47 -3.86 -0.60
N PRO A 228 -10.61 -3.09 -1.29
CA PRO A 228 -10.05 -1.84 -0.80
C PRO A 228 -11.02 -0.68 -0.54
N HIS A 229 -10.50 0.32 0.17
CA HIS A 229 -11.11 1.65 0.40
C HIS A 229 -12.38 1.55 1.25
N PRO A 230 -12.26 1.04 2.50
CA PRO A 230 -13.37 1.07 3.44
C PRO A 230 -13.76 2.49 3.81
N ASN A 231 -15.01 2.67 4.24
CA ASN A 231 -15.55 3.99 4.59
C ASN A 231 -15.22 4.37 6.03
N TYR A 232 -14.93 5.64 6.23
CA TYR A 232 -14.68 6.28 7.54
C TYR A 232 -15.72 7.37 7.74
N LEU A 233 -15.63 8.08 8.86
CA LEU A 233 -16.62 9.10 9.24
C LEU A 233 -16.01 10.07 10.23
N VAL A 234 -16.14 11.37 9.97
CA VAL A 234 -15.77 12.39 10.96
C VAL A 234 -16.74 12.27 12.14
N GLY A 235 -16.20 11.98 13.33
CA GLY A 235 -16.98 11.87 14.56
C GLY A 235 -17.17 10.44 15.04
N GLY A 236 -16.78 9.44 14.26
CA GLY A 236 -16.89 8.05 14.73
C GLY A 236 -16.79 7.06 13.59
N VAL A 237 -17.69 6.08 13.58
CA VAL A 237 -17.77 5.07 12.49
C VAL A 237 -19.22 4.96 12.05
N PRO A 238 -19.49 4.62 10.77
CA PRO A 238 -20.86 4.50 10.29
C PRO A 238 -21.56 3.19 10.71
N CYS A 239 -20.79 2.22 11.21
CA CYS A 239 -21.28 0.83 11.40
C CYS A 239 -22.00 0.73 12.76
N ALA A 240 -23.22 1.24 12.79
CA ALA A 240 -24.07 1.32 14.01
C ALA A 240 -24.30 -0.08 14.59
N ILE A 241 -24.45 -0.14 15.92
CA ILE A 241 -24.49 -1.40 16.71
C ILE A 241 -25.91 -1.66 17.21
N ASN A 242 -26.39 -2.89 17.03
CA ASN A 242 -27.71 -3.38 17.55
C ASN A 242 -27.62 -4.90 17.70
N LEU A 243 -27.65 -5.39 18.93
CA LEU A 243 -27.55 -6.85 19.23
C LEU A 243 -28.91 -7.51 19.11
N ASP A 244 -29.99 -6.78 19.46
CA ASP A 244 -31.37 -7.33 19.58
C ASP A 244 -32.40 -6.24 19.25
N ALA A 248 -32.04 -6.49 15.24
CA ALA A 248 -30.59 -6.42 15.52
C ALA A 248 -29.77 -6.81 14.29
N ALA A 249 -30.17 -7.87 13.59
CA ALA A 249 -29.60 -8.28 12.28
C ALA A 249 -29.74 -7.10 11.30
N SER A 250 -30.53 -6.10 11.71
CA SER A 250 -30.86 -4.89 10.90
CA SER A 250 -30.85 -4.90 10.88
C SER A 250 -29.78 -3.82 11.05
N ALA A 251 -28.94 -3.93 12.09
CA ALA A 251 -27.79 -3.02 12.31
C ALA A 251 -26.57 -3.51 11.55
N PRO A 252 -25.70 -2.59 11.06
CA PRO A 252 -24.40 -2.97 10.52
C PRO A 252 -23.60 -3.93 11.42
N VAL A 253 -23.63 -3.70 12.73
CA VAL A 253 -22.84 -4.51 13.71
C VAL A 253 -23.79 -5.14 14.73
N ASN A 254 -23.77 -6.47 14.75
CA ASN A 254 -24.47 -7.30 15.76
CA ASN A 254 -24.47 -7.29 15.77
C ASN A 254 -23.48 -8.35 16.26
N MET A 255 -23.88 -9.20 17.19
CA MET A 255 -22.93 -10.16 17.79
CA MET A 255 -22.93 -10.18 17.80
C MET A 255 -22.42 -11.14 16.72
N GLU A 256 -23.27 -11.55 15.77
CA GLU A 256 -22.86 -12.50 14.71
C GLU A 256 -21.72 -11.86 13.90
N ARG A 257 -21.83 -10.58 13.55
CA ARG A 257 -20.79 -9.88 12.77
C ARG A 257 -19.51 -9.78 13.61
N LEU A 258 -19.62 -9.53 14.90
CA LEU A 258 -18.44 -9.45 15.80
C LEU A 258 -17.79 -10.83 15.92
N SER A 259 -18.56 -11.90 16.03
CA SER A 259 -18.04 -13.29 16.05
C SER A 259 -17.24 -13.56 14.76
N PHE A 260 -17.76 -13.12 13.62
CA PHE A 260 -17.10 -13.29 12.31
C PHE A 260 -15.74 -12.59 12.34
N VAL A 261 -15.71 -11.36 12.84
CA VAL A 261 -14.43 -10.59 12.95
C VAL A 261 -13.44 -11.39 13.81
N LYS A 262 -13.88 -11.92 14.96
CA LYS A 262 -12.97 -12.64 15.87
C LYS A 262 -12.39 -13.87 15.15
N ALA A 263 -13.20 -14.59 14.39
CA ALA A 263 -12.74 -15.76 13.60
C ALA A 263 -11.62 -15.32 12.65
N ARG A 264 -11.77 -14.16 12.01
CA ARG A 264 -10.75 -13.66 11.07
C ARG A 264 -9.48 -13.26 11.85
N ILE A 265 -9.62 -12.64 13.02
CA ILE A 265 -8.45 -12.25 13.85
C ILE A 265 -7.69 -13.51 14.26
N ASP A 266 -8.40 -14.56 14.67
CA ASP A 266 -7.74 -15.79 15.15
C ASP A 266 -6.93 -16.42 14.01
N GLU A 267 -7.44 -16.40 12.78
CA GLU A 267 -6.71 -16.91 11.57
C GLU A 267 -5.44 -16.08 11.35
N ILE A 268 -5.54 -14.77 11.50
CA ILE A 268 -4.38 -13.84 11.33
C ILE A 268 -3.29 -14.23 12.32
N ILE A 269 -3.66 -14.46 13.58
CA ILE A 269 -2.66 -14.76 14.64
C ILE A 269 -1.93 -16.06 14.27
N GLU A 270 -2.64 -17.05 13.74
CA GLU A 270 -2.01 -18.34 13.35
CA GLU A 270 -2.04 -18.35 13.33
C GLU A 270 -1.05 -18.10 12.17
N PHE A 271 -1.47 -17.33 11.18
CA PHE A 271 -0.63 -17.08 9.98
C PHE A 271 0.67 -16.38 10.40
N ASN A 272 0.56 -15.33 11.21
CA ASN A 272 1.75 -14.54 11.62
C ASN A 272 2.72 -15.43 12.39
N LYS A 273 2.20 -16.25 13.32
CA LYS A 273 3.03 -17.05 14.25
C LYS A 273 3.64 -18.25 13.50
N ASN A 274 2.90 -18.85 12.57
CA ASN A 274 3.26 -20.18 12.00
C ASN A 274 3.92 -20.05 10.62
N VAL A 275 3.65 -18.98 9.88
CA VAL A 275 4.11 -18.86 8.47
C VAL A 275 5.07 -17.69 8.35
N TYR A 276 4.59 -16.47 8.61
CA TYR A 276 5.28 -15.22 8.24
C TYR A 276 6.53 -15.01 9.12
N VAL A 277 6.39 -14.94 10.44
CA VAL A 277 7.56 -14.67 11.32
C VAL A 277 8.60 -15.79 11.15
N PRO A 278 8.24 -17.10 11.20
CA PRO A 278 9.25 -18.14 11.03
C PRO A 278 10.01 -18.06 9.70
N ASP A 279 9.30 -17.76 8.60
CA ASP A 279 9.92 -17.65 7.25
C ASP A 279 10.97 -16.54 7.26
N VAL A 280 10.62 -15.38 7.82
CA VAL A 280 11.55 -14.21 7.85
C VAL A 280 12.72 -14.52 8.78
N LEU A 281 12.49 -15.18 9.91
CA LEU A 281 13.61 -15.60 10.80
C LEU A 281 14.54 -16.56 10.03
N ALA A 282 13.99 -17.53 9.30
CA ALA A 282 14.78 -18.56 8.58
C ALA A 282 15.57 -17.90 7.45
N ILE A 283 14.90 -17.14 6.60
CA ILE A 283 15.56 -16.48 5.44
C ILE A 283 16.59 -15.48 5.96
N GLY A 284 16.25 -14.70 6.99
CA GLY A 284 17.17 -13.76 7.65
C GLY A 284 18.40 -14.47 8.17
N THR A 285 18.23 -15.63 8.82
CA THR A 285 19.36 -16.41 9.38
C THR A 285 20.31 -16.81 8.25
N LEU A 286 19.76 -17.28 7.13
CA LEU A 286 20.60 -17.83 6.03
C LEU A 286 21.31 -16.69 5.30
N TYR A 287 20.68 -15.52 5.13
CA TYR A 287 21.39 -14.36 4.51
C TYR A 287 22.39 -13.77 5.49
N LYS A 288 22.11 -13.82 6.80
CA LYS A 288 23.08 -13.40 7.85
C LYS A 288 24.32 -14.30 7.76
N GLN A 289 24.11 -15.62 7.62
CA GLN A 289 25.22 -16.61 7.55
C GLN A 289 26.08 -16.32 6.31
N ALA A 290 25.46 -15.84 5.22
CA ALA A 290 26.16 -15.45 3.98
C ALA A 290 26.88 -14.09 4.13
N GLY A 291 26.70 -13.41 5.25
CA GLY A 291 27.36 -12.11 5.55
C GLY A 291 26.65 -10.93 4.92
N TRP A 292 25.38 -11.08 4.53
CA TRP A 292 24.67 -10.00 3.78
C TRP A 292 23.97 -9.07 4.79
N LEU A 293 24.74 -8.18 5.43
CA LEU A 293 24.23 -7.28 6.51
CA LEU A 293 24.24 -7.27 6.50
C LEU A 293 24.19 -5.83 6.00
N TYR A 294 24.17 -5.66 4.68
CA TYR A 294 24.07 -4.35 4.01
C TYR A 294 22.69 -3.73 4.23
N GLY A 295 22.58 -2.44 3.93
CA GLY A 295 21.29 -1.75 3.79
C GLY A 295 20.84 -1.00 5.04
N GLY A 296 21.68 -0.87 6.05
CA GLY A 296 21.32 -0.16 7.30
C GLY A 296 20.96 1.30 7.03
N GLY A 297 21.71 1.97 6.17
CA GLY A 297 21.44 3.39 5.83
C GLY A 297 21.29 4.24 7.08
N LEU A 298 20.22 5.03 7.14
CA LEU A 298 19.96 5.95 8.27
C LEU A 298 19.46 5.21 9.51
N ALA A 299 19.03 3.96 9.41
CA ALA A 299 18.51 3.22 10.58
C ALA A 299 19.59 3.13 11.66
N ALA A 300 20.87 3.18 11.27
CA ALA A 300 22.01 3.10 12.22
C ALA A 300 22.14 4.39 13.02
N THR A 301 21.50 5.49 12.61
CA THR A 301 21.64 6.80 13.29
C THR A 301 20.28 7.38 13.69
N ASN A 302 19.44 7.67 12.72
CA ASN A 302 18.29 8.61 12.88
C ASN A 302 16.99 7.91 12.51
N VAL A 303 16.11 7.68 13.48
CA VAL A 303 14.79 7.04 13.24
C VAL A 303 13.70 7.87 13.91
N LEU A 304 12.50 7.84 13.34
CA LEU A 304 11.36 8.66 13.81
C LEU A 304 10.06 7.89 13.63
N ASP A 305 9.16 8.04 14.59
CA ASP A 305 7.73 7.69 14.44
C ASP A 305 6.94 8.60 15.37
N TYR A 306 5.67 8.87 15.05
CA TYR A 306 4.84 9.76 15.89
C TYR A 306 4.38 9.05 17.16
N GLY A 307 4.41 7.70 17.17
CA GLY A 307 3.90 6.88 18.27
C GLY A 307 2.42 6.62 18.11
N GLU A 308 1.97 5.41 18.44
CA GLU A 308 0.63 4.94 18.04
CA GLU A 308 0.61 4.96 18.05
C GLU A 308 0.11 3.87 19.02
N TYR A 309 -1.19 3.64 18.97
CA TYR A 309 -1.92 2.52 19.61
C TYR A 309 -1.92 2.72 21.12
N PRO A 310 -2.48 3.84 21.61
CA PRO A 310 -2.57 4.09 23.05
C PRO A 310 -3.55 3.08 23.66
N ASN A 311 -3.17 2.39 24.73
CA ASN A 311 -4.11 1.40 25.32
C ASN A 311 -5.19 2.17 26.10
N VAL A 312 -5.02 3.49 26.28
CA VAL A 312 -6.09 4.43 26.73
C VAL A 312 -6.24 5.55 25.69
N ALA A 313 -7.43 5.67 25.08
CA ALA A 313 -7.71 6.62 23.98
C ALA A 313 -7.35 8.05 24.42
N TYR A 314 -6.65 8.79 23.55
CA TYR A 314 -6.27 10.21 23.70
C TYR A 314 -5.22 10.37 24.81
N ASN A 315 -4.61 9.26 25.27
CA ASN A 315 -3.52 9.26 26.30
C ASN A 315 -2.24 8.70 25.68
N LYS A 316 -1.39 9.59 25.19
CA LYS A 316 -0.23 9.25 24.34
C LYS A 316 0.84 8.53 25.16
N SER A 317 0.91 8.75 26.48
CA SER A 317 1.86 8.06 27.37
C SER A 317 1.65 6.54 27.31
N THR A 318 0.47 6.08 26.88
CA THR A 318 0.08 4.64 26.85
C THR A 318 0.26 4.04 25.45
N ASP A 319 0.91 4.75 24.51
CA ASP A 319 1.20 4.21 23.16
C ASP A 319 1.90 2.85 23.28
N GLN A 320 1.37 1.83 22.61
CA GLN A 320 1.93 0.46 22.60
C GLN A 320 3.03 0.33 21.54
N LEU A 321 3.08 1.26 20.58
CA LEU A 321 4.29 1.52 19.77
C LEU A 321 4.74 2.94 20.06
N PRO A 322 5.43 3.17 21.21
CA PRO A 322 5.80 4.52 21.61
C PRO A 322 6.83 5.10 20.65
N GLY A 323 6.66 6.38 20.33
CA GLY A 323 7.41 7.03 19.25
C GLY A 323 8.38 8.07 19.78
N GLY A 324 8.74 8.98 18.89
CA GLY A 324 9.78 9.99 19.14
C GLY A 324 10.85 9.93 18.07
N ALA A 325 12.00 10.49 18.37
CA ALA A 325 13.14 10.58 17.43
C ALA A 325 14.40 10.15 18.14
N ILE A 326 15.20 9.33 17.48
CA ILE A 326 16.57 8.97 17.89
C ILE A 326 17.53 9.62 16.90
N LEU A 327 18.61 10.19 17.39
CA LEU A 327 19.69 10.78 16.56
C LEU A 327 21.00 10.08 16.85
N ASN A 328 21.86 9.99 15.83
CA ASN A 328 23.31 9.68 15.98
C ASN A 328 23.49 8.27 16.57
N GLY A 329 22.49 7.40 16.44
CA GLY A 329 22.56 6.01 16.93
C GLY A 329 22.57 5.92 18.44
N ASN A 330 22.16 6.99 19.12
CA ASN A 330 22.09 7.03 20.61
C ASN A 330 20.71 6.53 21.05
N TRP A 331 20.61 5.24 21.38
CA TRP A 331 19.34 4.58 21.75
C TRP A 331 19.00 4.86 23.23
N ASP A 332 19.86 5.60 23.95
CA ASP A 332 19.62 5.95 25.38
C ASP A 332 18.82 7.26 25.47
N GLU A 333 18.55 7.92 24.34
CA GLU A 333 17.91 9.25 24.34
C GLU A 333 16.83 9.30 23.25
N VAL A 334 15.56 9.20 23.64
CA VAL A 334 14.43 9.40 22.69
C VAL A 334 13.92 10.83 22.87
N PHE A 335 13.99 11.64 21.81
CA PHE A 335 13.45 13.01 21.79
C PHE A 335 11.96 12.95 21.48
N PRO A 336 11.14 13.76 22.18
CA PRO A 336 9.72 13.82 21.88
C PRO A 336 9.51 14.49 20.51
N VAL A 337 8.56 13.99 19.75
CA VAL A 337 8.20 14.56 18.42
C VAL A 337 6.81 15.18 18.53
N ASP A 338 6.71 16.46 18.20
CA ASP A 338 5.45 17.24 18.24
C ASP A 338 5.08 17.64 16.82
N PRO A 339 4.05 17.02 16.22
CA PRO A 339 3.61 17.39 14.87
C PRO A 339 3.08 18.83 14.75
N ARG A 340 2.81 19.51 15.87
CA ARG A 340 2.27 20.89 15.87
C ARG A 340 3.41 21.93 15.84
N ASP A 341 4.66 21.52 16.10
CA ASP A 341 5.80 22.44 16.28
C ASP A 341 6.37 22.83 14.91
N SER A 342 6.30 24.10 14.54
CA SER A 342 6.74 24.60 13.21
C SER A 342 8.23 24.35 12.97
N GLN A 343 9.01 24.08 14.03
CA GLN A 343 10.48 23.90 13.92
C GLN A 343 10.87 22.42 13.86
N GLN A 344 9.89 21.51 13.91
CA GLN A 344 10.18 20.04 13.90
C GLN A 344 9.99 19.50 12.48
N VAL A 345 8.79 19.04 12.14
CA VAL A 345 8.57 18.47 10.78
C VAL A 345 8.53 19.60 9.76
N GLN A 346 9.43 19.56 8.79
CA GLN A 346 9.46 20.56 7.69
C GLN A 346 9.77 19.83 6.39
N GLU A 347 9.27 20.36 5.27
CA GLU A 347 9.57 19.79 3.95
C GLU A 347 10.32 20.81 3.11
N PHE A 348 11.43 20.36 2.52
CA PHE A 348 12.21 21.10 1.52
C PHE A 348 11.80 20.66 0.13
N VAL A 349 12.00 21.53 -0.87
CA VAL A 349 11.79 21.17 -2.30
C VAL A 349 13.01 21.55 -3.14
N SER A 350 14.14 21.82 -2.50
CA SER A 350 15.41 22.18 -3.17
C SER A 350 15.70 21.23 -4.34
N HIS A 351 15.50 19.91 -4.15
CA HIS A 351 15.81 18.88 -5.18
C HIS A 351 14.54 18.18 -5.66
N SER A 352 13.38 18.82 -5.49
CA SER A 352 12.06 18.28 -5.87
C SER A 352 11.43 19.14 -6.97
N TRP A 353 10.50 18.56 -7.74
CA TRP A 353 9.81 19.25 -8.86
C TRP A 353 8.66 20.09 -8.32
N TYR A 354 8.97 20.99 -7.37
CA TYR A 354 8.03 21.99 -6.81
C TYR A 354 8.76 23.31 -6.65
N LYS A 355 8.00 24.35 -6.35
CA LYS A 355 8.60 25.68 -6.12
CA LYS A 355 8.53 25.72 -6.17
C LYS A 355 8.05 26.28 -4.83
N TYR A 356 8.96 26.89 -4.08
CA TYR A 356 8.67 27.79 -2.93
C TYR A 356 9.18 29.19 -3.31
N ALA A 357 8.69 30.20 -2.60
CA ALA A 357 9.25 31.56 -2.61
C ALA A 357 10.76 31.49 -2.30
N ASP A 358 11.12 30.75 -1.25
CA ASP A 358 12.54 30.58 -0.83
C ASP A 358 12.80 29.10 -0.56
N GLU A 359 13.57 28.45 -1.42
CA GLU A 359 13.79 26.99 -1.33
C GLU A 359 14.98 26.66 -0.43
N SER A 360 15.56 27.67 0.23
CA SER A 360 16.57 27.45 1.29
C SER A 360 15.90 27.11 2.62
N VAL A 361 14.57 27.17 2.69
CA VAL A 361 13.85 26.87 3.97
C VAL A 361 12.90 25.70 3.77
N GLY A 362 12.67 24.99 4.86
CA GLY A 362 11.67 23.92 4.94
C GLY A 362 10.39 24.45 5.55
N LEU A 363 9.26 24.04 4.99
CA LEU A 363 7.93 24.51 5.46
C LEU A 363 7.31 23.43 6.34
N HIS A 364 6.85 23.82 7.52
CA HIS A 364 5.94 22.99 8.35
C HIS A 364 4.65 22.81 7.57
N PRO A 365 3.99 21.62 7.63
CA PRO A 365 2.87 21.38 6.72
C PRO A 365 1.65 22.30 6.89
N TRP A 366 1.45 22.93 8.05
CA TRP A 366 0.37 23.95 8.18
C TRP A 366 0.68 25.14 7.27
N ASP A 367 1.95 25.33 6.89
CA ASP A 367 2.39 26.43 5.99
C ASP A 367 2.83 25.84 4.64
N GLY A 368 2.47 24.58 4.37
CA GLY A 368 2.96 23.86 3.18
C GLY A 368 2.39 24.42 1.89
N VAL A 369 3.14 24.22 0.81
CA VAL A 369 2.84 24.74 -0.55
C VAL A 369 3.12 23.62 -1.54
N THR A 370 2.21 23.37 -2.46
CA THR A 370 2.39 22.35 -3.52
C THR A 370 2.13 22.98 -4.88
N GLU A 371 3.16 23.61 -5.43
CA GLU A 371 3.14 24.21 -6.78
CA GLU A 371 3.14 24.21 -6.78
C GLU A 371 4.14 23.44 -7.63
N PRO A 372 3.68 22.70 -8.66
CA PRO A 372 4.59 21.86 -9.44
C PRO A 372 5.58 22.71 -10.26
N ASN A 373 6.76 22.15 -10.45
CA ASN A 373 7.86 22.78 -11.20
C ASN A 373 8.73 21.67 -11.79
N TYR A 374 8.26 21.07 -12.88
CA TYR A 374 8.99 19.99 -13.58
C TYR A 374 10.05 20.64 -14.47
N VAL A 375 11.31 20.55 -14.04
CA VAL A 375 12.49 21.16 -14.71
C VAL A 375 13.70 20.28 -14.41
N LEU A 376 14.53 20.03 -15.43
CA LEU A 376 15.70 19.12 -15.31
C LEU A 376 16.99 19.92 -15.29
N GLY A 377 17.99 19.41 -14.58
CA GLY A 377 19.28 20.09 -14.39
C GLY A 377 20.12 20.11 -15.66
N ALA A 378 21.13 20.96 -15.68
CA ALA A 378 22.02 21.19 -16.85
C ALA A 378 22.81 19.92 -17.18
N ASN A 379 23.01 19.01 -16.21
CA ASN A 379 23.88 17.82 -16.40
CA ASN A 379 23.87 17.81 -16.38
C ASN A 379 23.02 16.60 -16.77
N THR A 380 21.74 16.81 -17.07
CA THR A 380 20.83 15.74 -17.54
C THR A 380 21.41 15.14 -18.82
N LYS A 381 21.42 13.81 -18.92
CA LYS A 381 21.62 13.11 -20.22
C LYS A 381 20.24 12.76 -20.78
N GLY A 382 19.94 13.26 -21.98
CA GLY A 382 18.63 13.09 -22.62
C GLY A 382 17.87 14.41 -22.66
N THR A 383 16.55 14.33 -22.79
CA THR A 383 15.64 15.48 -22.97
C THR A 383 14.59 15.48 -21.87
N ARG A 384 13.79 16.55 -21.82
CA ARG A 384 12.70 16.72 -20.84
C ARG A 384 11.73 15.52 -20.89
N THR A 385 11.55 14.88 -22.04
CA THR A 385 10.57 13.77 -22.21
C THR A 385 11.27 12.46 -22.56
N ARG A 386 12.59 12.40 -22.48
CA ARG A 386 13.36 11.16 -22.73
C ARG A 386 14.64 11.20 -21.92
N ILE A 387 14.53 10.91 -20.63
CA ILE A 387 15.66 10.98 -19.66
C ILE A 387 16.49 9.70 -19.81
N GLU A 388 17.80 9.86 -20.02
CA GLU A 388 18.78 8.75 -20.02
C GLU A 388 19.47 8.69 -18.65
N GLN A 389 19.90 9.84 -18.11
CA GLN A 389 20.52 9.91 -16.77
CA GLN A 389 20.55 9.94 -16.78
C GLN A 389 20.06 11.19 -16.07
N ILE A 390 19.36 11.03 -14.97
CA ILE A 390 18.80 12.18 -14.21
CA ILE A 390 18.80 12.19 -14.20
C ILE A 390 19.96 12.93 -13.54
N ASP A 391 19.80 14.24 -13.37
CA ASP A 391 20.80 15.14 -12.75
C ASP A 391 20.39 15.40 -11.29
N GLU A 392 20.96 14.63 -10.37
CA GLU A 392 20.63 14.71 -8.92
C GLU A 392 21.26 15.96 -8.29
N SER A 393 22.04 16.76 -9.03
CA SER A 393 22.55 18.06 -8.51
C SER A 393 21.43 19.11 -8.52
N ALA A 394 20.36 18.85 -9.27
CA ALA A 394 19.23 19.79 -9.42
C ALA A 394 17.94 19.10 -8.94
N LYS A 395 16.81 19.37 -9.57
CA LYS A 395 15.51 18.81 -9.11
C LYS A 395 15.30 17.45 -9.79
N TYR A 396 15.05 16.40 -9.02
CA TYR A 396 15.11 15.03 -9.59
C TYR A 396 14.00 14.13 -9.05
N SER A 397 12.91 14.68 -8.51
CA SER A 397 11.88 13.82 -7.89
C SER A 397 10.57 14.58 -7.69
N TRP A 398 9.46 13.85 -7.77
CA TRP A 398 8.13 14.36 -7.37
C TRP A 398 7.93 14.21 -5.86
N ILE A 399 8.89 13.64 -5.14
CA ILE A 399 8.82 13.51 -3.66
C ILE A 399 9.45 14.75 -3.03
N LYS A 400 8.74 15.39 -2.10
CA LYS A 400 9.32 16.46 -1.25
C LYS A 400 10.33 15.84 -0.27
N SER A 401 11.09 16.69 0.42
CA SER A 401 12.15 16.26 1.37
C SER A 401 11.76 16.61 2.80
N PRO A 402 11.06 15.71 3.53
CA PRO A 402 10.75 15.96 4.93
C PRO A 402 12.00 15.75 5.80
N ARG A 403 12.15 16.61 6.79
CA ARG A 403 13.25 16.53 7.77
C ARG A 403 12.65 16.83 9.14
N TRP A 404 13.31 16.38 10.20
CA TRP A 404 12.88 16.64 11.59
C TRP A 404 13.95 17.49 12.27
N ARG A 405 13.64 18.73 12.62
CA ARG A 405 14.65 19.68 13.14
C ARG A 405 15.86 19.69 12.21
N GLY A 406 15.62 19.56 10.89
CA GLY A 406 16.68 19.61 9.86
C GLY A 406 17.34 18.27 9.60
N HIS A 407 17.08 17.26 10.43
CA HIS A 407 17.72 15.92 10.35
C HIS A 407 16.97 15.03 9.36
N ALA A 408 17.71 14.25 8.56
CA ALA A 408 17.14 13.18 7.71
C ALA A 408 16.93 11.94 8.56
N MET A 409 15.72 11.39 8.52
CA MET A 409 15.27 10.29 9.39
C MET A 409 14.80 9.12 8.54
N GLU A 410 14.97 7.90 9.03
CA GLU A 410 14.26 6.71 8.50
C GLU A 410 12.97 6.53 9.30
N VAL A 411 11.90 6.17 8.60
CA VAL A 411 10.60 5.84 9.22
C VAL A 411 10.21 4.42 8.82
N GLY A 412 9.28 3.82 9.57
CA GLY A 412 8.73 2.51 9.24
C GLY A 412 8.77 1.55 10.42
N PRO A 413 8.38 0.27 10.18
CA PRO A 413 8.35 -0.71 11.26
C PRO A 413 9.70 -0.83 11.99
N LEU A 414 10.81 -0.83 11.24
CA LEU A 414 12.15 -0.88 11.87
C LEU A 414 12.32 0.31 12.81
N SER A 415 12.00 1.52 12.36
CA SER A 415 12.09 2.73 13.21
C SER A 415 11.25 2.52 14.47
N ARG A 416 10.02 2.03 14.32
CA ARG A 416 9.13 1.82 15.48
C ARG A 416 9.71 0.78 16.43
N TYR A 417 10.36 -0.27 15.92
CA TYR A 417 10.91 -1.34 16.76
C TYR A 417 12.18 -0.86 17.47
N ILE A 418 13.01 -0.06 16.80
CA ILE A 418 14.19 0.56 17.48
C ILE A 418 13.68 1.49 18.58
N LEU A 419 12.67 2.31 18.30
CA LEU A 419 12.08 3.23 19.30
C LEU A 419 11.46 2.42 20.45
N ALA A 420 10.72 1.36 20.16
CA ALA A 420 10.10 0.51 21.19
C ALA A 420 11.19 -0.07 22.10
N TYR A 421 12.26 -0.57 21.49
CA TYR A 421 13.42 -1.14 22.22
C TYR A 421 14.02 -0.07 23.15
N ALA A 422 14.29 1.12 22.61
CA ALA A 422 14.88 2.24 23.36
C ALA A 422 13.95 2.62 24.53
N HIS A 423 12.65 2.72 24.26
CA HIS A 423 11.63 3.04 25.31
C HIS A 423 11.64 1.96 26.39
N ALA A 424 11.64 0.68 26.00
CA ALA A 424 11.57 -0.45 26.95
C ALA A 424 12.79 -0.42 27.87
N ARG A 425 13.95 -0.06 27.33
CA ARG A 425 15.24 -0.03 28.08
C ARG A 425 15.22 1.14 29.08
N SER A 426 14.46 2.19 28.81
CA SER A 426 14.30 3.38 29.71
C SER A 426 13.21 3.12 30.76
N GLY A 427 12.49 1.99 30.67
CA GLY A 427 11.52 1.54 31.68
C GLY A 427 10.07 1.65 31.23
N ASN A 428 9.82 1.89 29.94
CA ASN A 428 8.45 1.94 29.36
C ASN A 428 7.87 0.53 29.28
N LYS A 429 6.83 0.23 30.04
CA LYS A 429 6.25 -1.14 30.13
C LYS A 429 5.33 -1.39 28.93
N TYR A 430 4.83 -0.34 28.27
CA TYR A 430 3.91 -0.48 27.12
C TYR A 430 4.66 -1.08 25.92
N ALA A 431 5.99 -1.04 25.95
CA ALA A 431 6.88 -1.53 24.87
C ALA A 431 7.45 -2.92 25.19
N GLU A 432 6.94 -3.61 26.21
CA GLU A 432 7.52 -4.91 26.65
C GLU A 432 7.39 -5.95 25.52
N ARG A 433 6.25 -6.00 24.83
CA ARG A 433 6.03 -7.08 23.82
C ARG A 433 7.02 -6.93 22.66
N PRO A 434 7.14 -5.75 22.00
CA PRO A 434 8.14 -5.61 20.94
C PRO A 434 9.57 -5.93 21.40
N LYS A 435 9.95 -5.53 22.61
CA LYS A 435 11.29 -5.86 23.16
CA LYS A 435 11.29 -5.86 23.16
C LYS A 435 11.44 -7.40 23.24
N GLU A 436 10.42 -8.09 23.75
CA GLU A 436 10.41 -9.57 23.86
C GLU A 436 10.57 -10.18 22.45
N GLN A 437 9.82 -9.69 21.47
CA GLN A 437 9.90 -10.20 20.09
C GLN A 437 11.32 -10.05 19.54
N LEU A 438 11.95 -8.90 19.80
CA LEU A 438 13.30 -8.60 19.29
C LEU A 438 14.33 -9.54 19.92
N GLU A 439 14.26 -9.72 21.23
CA GLU A 439 15.20 -10.60 21.97
CA GLU A 439 15.23 -10.60 21.94
C GLU A 439 15.01 -12.05 21.50
N TYR A 440 13.75 -12.47 21.32
CA TYR A 440 13.42 -13.82 20.81
C TYR A 440 14.03 -14.00 19.42
N SER A 441 13.83 -13.00 18.56
CA SER A 441 14.28 -13.03 17.14
C SER A 441 15.81 -13.12 17.07
N ALA A 442 16.51 -12.33 17.88
CA ALA A 442 17.99 -12.31 17.88
C ALA A 442 18.51 -13.69 18.31
N GLN A 443 17.86 -14.32 19.29
CA GLN A 443 18.26 -15.67 19.78
C GLN A 443 18.01 -16.71 18.68
N MET A 444 16.90 -16.60 17.95
CA MET A 444 16.56 -17.54 16.85
C MET A 444 17.60 -17.39 15.74
N ILE A 445 17.92 -16.15 15.34
CA ILE A 445 18.80 -15.84 14.19
C ILE A 445 20.25 -16.18 14.53
N ASN A 446 20.67 -15.92 15.78
CA ASN A 446 22.06 -16.14 16.23
C ASN A 446 22.31 -17.61 16.58
N SER A 447 21.35 -18.31 17.21
CA SER A 447 21.62 -19.58 17.92
CA SER A 447 21.62 -19.57 17.93
CA SER A 447 21.63 -19.59 17.92
C SER A 447 20.67 -20.70 17.49
N ALA A 448 19.37 -20.55 17.77
CA ALA A 448 18.39 -21.66 17.62
C ALA A 448 18.32 -22.16 16.17
N ILE A 449 18.16 -21.27 15.21
CA ILE A 449 18.01 -21.69 13.79
C ILE A 449 19.34 -22.20 13.25
N PRO A 450 20.49 -21.53 13.48
CA PRO A 450 21.78 -22.12 13.12
C PRO A 450 21.97 -23.54 13.68
N LYS A 451 21.67 -23.76 14.96
CA LYS A 451 21.83 -25.09 15.60
C LYS A 451 20.96 -26.11 14.86
N ALA A 452 19.70 -25.75 14.55
CA ALA A 452 18.73 -26.64 13.88
C ALA A 452 19.20 -26.99 12.45
N LEU A 453 19.92 -26.08 11.78
CA LEU A 453 20.35 -26.24 10.36
C LEU A 453 21.82 -26.67 10.28
N GLY A 454 22.48 -26.85 11.43
CA GLY A 454 23.90 -27.28 11.50
C GLY A 454 24.85 -26.19 11.00
N LEU A 455 24.50 -24.93 11.24
CA LEU A 455 25.33 -23.74 10.88
C LEU A 455 25.97 -23.19 12.14
N PRO A 456 27.07 -22.41 12.02
CA PRO A 456 27.73 -21.82 13.19
C PRO A 456 26.79 -20.84 13.92
N GLU A 457 26.86 -20.83 15.26
CA GLU A 457 26.18 -19.83 16.12
CA GLU A 457 26.16 -19.83 16.09
C GLU A 457 26.92 -18.50 16.00
N THR A 458 26.19 -17.39 15.95
CA THR A 458 26.76 -16.02 15.86
C THR A 458 26.37 -15.24 17.12
N GLN A 459 26.93 -14.04 17.29
CA GLN A 459 26.80 -13.24 18.54
CA GLN A 459 26.79 -13.23 18.54
C GLN A 459 26.44 -11.79 18.18
N TYR A 460 25.66 -11.58 17.11
CA TYR A 460 25.21 -10.22 16.71
C TYR A 460 24.31 -9.65 17.81
N THR A 461 24.56 -8.42 18.21
CA THR A 461 23.64 -7.63 19.09
C THR A 461 22.48 -7.11 18.25
N LEU A 462 21.41 -6.66 18.90
CA LEU A 462 20.28 -6.01 18.19
C LEU A 462 20.77 -4.71 17.55
N LYS A 463 21.68 -3.99 18.21
CA LYS A 463 22.30 -2.76 17.67
C LYS A 463 22.95 -3.07 16.31
N GLN A 464 23.50 -4.28 16.15
CA GLN A 464 24.20 -4.72 14.91
CA GLN A 464 24.19 -4.71 14.90
C GLN A 464 23.19 -5.27 13.89
N LEU A 465 22.24 -6.10 14.34
CA LEU A 465 21.32 -6.83 13.43
CA LEU A 465 21.30 -6.84 13.45
C LEU A 465 20.24 -5.89 12.90
N LEU A 466 19.70 -5.00 13.72
CA LEU A 466 18.49 -4.25 13.33
C LEU A 466 18.78 -3.28 12.19
N PRO A 467 19.87 -2.48 12.21
CA PRO A 467 20.14 -1.54 11.12
C PRO A 467 20.78 -2.27 9.93
N SER A 468 19.93 -2.94 9.17
CA SER A 468 20.30 -3.76 8.00
C SER A 468 19.03 -4.01 7.21
N THR A 469 19.15 -4.38 5.94
CA THR A 469 18.00 -4.81 5.13
C THR A 469 17.34 -6.02 5.79
N ILE A 470 18.11 -6.96 6.33
CA ILE A 470 17.52 -8.11 7.10
C ILE A 470 16.70 -7.55 8.28
N GLY A 471 17.29 -6.66 9.08
CA GLY A 471 16.61 -6.12 10.27
C GLY A 471 15.33 -5.39 9.88
N ARG A 472 15.35 -4.66 8.79
CA ARG A 472 14.17 -3.88 8.32
C ARG A 472 13.04 -4.85 7.95
N THR A 473 13.38 -5.97 7.32
CA THR A 473 12.44 -7.02 6.90
C THR A 473 11.88 -7.73 8.13
N LEU A 474 12.74 -8.03 9.10
CA LEU A 474 12.35 -8.67 10.38
C LEU A 474 11.35 -7.78 11.11
N ALA A 475 11.65 -6.50 11.27
CA ALA A 475 10.82 -5.61 12.09
C ALA A 475 9.39 -5.58 11.52
N ARG A 476 9.25 -5.58 10.19
CA ARG A 476 7.93 -5.59 9.54
C ARG A 476 7.16 -6.85 9.95
N ALA A 477 7.80 -8.02 9.92
CA ALA A 477 7.14 -9.29 10.28
C ALA A 477 6.73 -9.25 11.77
N LEU A 478 7.61 -8.81 12.65
CA LEU A 478 7.29 -8.75 14.09
C LEU A 478 6.13 -7.78 14.30
N GLU A 479 6.13 -6.66 13.59
CA GLU A 479 5.04 -5.67 13.75
C GLU A 479 3.72 -6.29 13.32
N SER A 480 3.70 -7.05 12.24
CA SER A 480 2.48 -7.77 11.79
C SER A 480 1.97 -8.63 12.96
N GLN A 481 2.85 -9.44 13.54
CA GLN A 481 2.48 -10.33 14.66
C GLN A 481 1.91 -9.50 15.82
N TYR A 482 2.60 -8.45 16.23
CA TYR A 482 2.17 -7.59 17.38
C TYR A 482 0.82 -6.96 17.08
N CYS A 483 0.59 -6.49 15.86
CA CYS A 483 -0.71 -5.87 15.48
C CYS A 483 -1.83 -6.91 15.57
N GLY A 484 -1.60 -8.14 15.14
CA GLY A 484 -2.62 -9.21 15.28
C GLY A 484 -2.95 -9.45 16.74
N GLU A 485 -1.94 -9.54 17.59
CA GLU A 485 -2.13 -9.74 19.05
C GLU A 485 -2.93 -8.57 19.62
N MET A 486 -2.59 -7.34 19.25
CA MET A 486 -3.25 -6.16 19.82
C MET A 486 -4.72 -6.13 19.41
N MET A 487 -5.05 -6.39 18.14
CA MET A 487 -6.48 -6.24 17.76
CA MET A 487 -6.46 -6.32 17.65
C MET A 487 -7.31 -7.40 18.32
N HIS A 488 -6.69 -8.52 18.69
CA HIS A 488 -7.36 -9.59 19.47
C HIS A 488 -7.83 -9.01 20.81
N SER A 489 -6.97 -8.25 21.49
CA SER A 489 -7.32 -7.56 22.75
CA SER A 489 -7.31 -7.55 22.76
C SER A 489 -8.39 -6.49 22.49
N ASP A 490 -8.22 -5.71 21.44
CA ASP A 490 -9.20 -4.64 21.10
C ASP A 490 -10.59 -5.26 20.89
N TRP A 491 -10.66 -6.41 20.21
CA TRP A 491 -11.95 -7.09 19.96
C TRP A 491 -12.63 -7.40 21.31
N HIS A 492 -11.89 -7.95 22.26
CA HIS A 492 -12.42 -8.28 23.60
C HIS A 492 -12.92 -7.00 24.28
N ASP A 493 -12.17 -5.91 24.17
CA ASP A 493 -12.56 -4.64 24.84
C ASP A 493 -13.83 -4.10 24.18
N LEU A 494 -13.93 -4.21 22.86
CA LEU A 494 -15.11 -3.72 22.10
C LEU A 494 -16.35 -4.50 22.55
N VAL A 495 -16.28 -5.82 22.52
CA VAL A 495 -17.44 -6.68 22.89
C VAL A 495 -17.82 -6.43 24.35
N ALA A 496 -16.84 -6.30 25.24
CA ALA A 496 -17.11 -6.06 26.68
C ALA A 496 -17.81 -4.71 26.86
N ASN A 497 -17.38 -3.68 26.13
CA ASN A 497 -17.96 -2.33 26.24
C ASN A 497 -19.41 -2.35 25.76
N ILE A 498 -19.68 -3.03 24.64
CA ILE A 498 -21.05 -3.15 24.07
C ILE A 498 -21.93 -3.92 25.07
N ARG A 499 -21.42 -5.02 25.61
CA ARG A 499 -22.18 -5.88 26.54
C ARG A 499 -22.49 -5.10 27.84
N ALA A 500 -21.63 -4.14 28.22
CA ALA A 500 -21.81 -3.30 29.42
C ALA A 500 -22.86 -2.21 29.16
N GLY A 501 -23.31 -2.06 27.92
CA GLY A 501 -24.45 -1.20 27.57
C GLY A 501 -24.08 0.01 26.71
N ASP A 502 -22.80 0.21 26.39
CA ASP A 502 -22.36 1.35 25.54
C ASP A 502 -22.36 0.91 24.08
N THR A 503 -23.35 1.35 23.30
CA THR A 503 -23.49 0.98 21.87
C THR A 503 -23.15 2.18 20.97
N ALA A 504 -22.72 3.32 21.53
CA ALA A 504 -22.46 4.55 20.75
C ALA A 504 -21.34 4.32 19.74
N THR A 505 -21.53 4.81 18.51
CA THR A 505 -20.51 4.71 17.43
C THR A 505 -20.19 6.07 16.80
N ALA A 506 -20.96 7.13 17.05
CA ALA A 506 -20.64 8.45 16.45
C ALA A 506 -21.05 9.58 17.38
N ASN A 507 -20.18 10.58 17.46
CA ASN A 507 -20.43 11.88 18.11
C ASN A 507 -20.82 12.85 16.99
N VAL A 508 -22.07 13.31 16.97
CA VAL A 508 -22.60 14.18 15.89
C VAL A 508 -22.78 15.62 16.40
N ASP A 509 -22.29 15.93 17.59
CA ASP A 509 -22.50 17.26 18.23
C ASP A 509 -22.01 18.35 17.28
N LYS A 510 -20.90 18.12 16.57
CA LYS A 510 -20.26 19.11 15.67
C LYS A 510 -20.25 18.61 14.24
N TRP A 511 -21.22 17.78 13.85
CA TRP A 511 -21.37 17.34 12.44
C TRP A 511 -21.71 18.55 11.56
N ASP A 512 -22.64 19.39 12.00
CA ASP A 512 -23.15 20.51 11.16
C ASP A 512 -22.13 21.65 11.21
N PRO A 513 -21.66 22.15 10.05
CA PRO A 513 -20.66 23.23 10.05
C PRO A 513 -21.15 24.54 10.70
N ALA A 514 -22.45 24.71 10.93
CA ALA A 514 -22.98 25.87 11.67
C ALA A 514 -22.41 25.90 13.09
N THR A 515 -21.94 24.76 13.61
CA THR A 515 -21.42 24.60 14.99
C THR A 515 -19.91 24.88 15.04
N TRP A 516 -19.25 25.00 13.89
CA TRP A 516 -17.77 25.03 13.82
C TRP A 516 -17.27 26.42 14.19
N PRO A 517 -16.03 26.52 14.74
CA PRO A 517 -15.33 27.80 14.76
C PRO A 517 -15.13 28.22 13.31
N LEU A 518 -15.08 29.54 13.06
CA LEU A 518 -15.03 30.09 11.68
C LEU A 518 -13.65 29.86 11.06
N GLN A 519 -12.63 29.60 11.89
CA GLN A 519 -11.35 29.07 11.40
C GLN A 519 -10.81 28.08 12.44
N ALA A 520 -10.03 27.12 11.96
CA ALA A 520 -9.41 26.10 12.83
C ALA A 520 -8.27 25.45 12.08
N LYS A 521 -7.34 24.89 12.82
CA LYS A 521 -6.30 24.03 12.23
C LYS A 521 -6.21 22.75 13.05
N GLY A 522 -5.88 21.67 12.38
CA GLY A 522 -5.78 20.35 13.02
C GLY A 522 -4.70 19.53 12.39
N VAL A 523 -4.26 18.52 13.13
CA VAL A 523 -3.31 17.51 12.61
C VAL A 523 -3.80 16.14 13.05
N GLY A 524 -3.70 15.19 12.13
CA GLY A 524 -3.96 13.77 12.40
C GLY A 524 -2.72 12.98 12.07
N THR A 525 -2.25 12.14 12.99
CA THR A 525 -1.11 11.25 12.73
C THR A 525 -1.54 9.80 12.86
N VAL A 526 -0.85 8.95 12.13
CA VAL A 526 -1.10 7.49 12.06
C VAL A 526 0.26 6.81 11.95
N ALA A 527 0.46 5.73 12.69
CA ALA A 527 1.57 4.79 12.40
C ALA A 527 1.10 3.90 11.26
N ALA A 528 1.26 4.40 10.04
CA ALA A 528 0.86 3.67 8.82
C ALA A 528 1.83 2.52 8.62
N PRO A 529 1.47 1.50 7.82
CA PRO A 529 2.36 0.36 7.59
C PRO A 529 3.82 0.72 7.27
N ARG A 530 4.07 1.82 6.56
CA ARG A 530 5.43 2.16 6.09
C ARG A 530 6.09 3.23 6.97
N GLY A 531 5.42 3.70 8.02
CA GLY A 531 6.03 4.64 8.98
C GLY A 531 5.11 5.77 9.37
N ALA A 532 5.67 6.97 9.55
CA ALA A 532 5.00 8.12 10.18
C ALA A 532 4.17 8.86 9.14
N LEU A 533 2.85 8.85 9.33
CA LEU A 533 1.90 9.57 8.45
C LEU A 533 1.30 10.75 9.22
N GLY A 534 1.25 11.92 8.58
CA GLY A 534 0.52 13.07 9.11
C GLY A 534 -0.26 13.77 8.02
N HIS A 535 -1.44 14.22 8.38
CA HIS A 535 -2.28 15.16 7.60
C HIS A 535 -2.46 16.43 8.43
N TRP A 536 -2.20 17.57 7.82
CA TRP A 536 -2.32 18.90 8.44
C TRP A 536 -3.37 19.70 7.68
N ILE A 537 -4.42 20.13 8.36
CA ILE A 537 -5.56 20.85 7.73
C ILE A 537 -5.71 22.22 8.35
N ARG A 538 -6.07 23.19 7.51
CA ARG A 538 -6.64 24.48 7.94
C ARG A 538 -8.04 24.57 7.36
N ILE A 539 -9.00 24.93 8.22
CA ILE A 539 -10.43 25.10 7.88
C ILE A 539 -10.76 26.59 7.98
N LYS A 540 -11.51 27.10 7.02
CA LYS A 540 -12.00 28.50 7.05
C LYS A 540 -13.41 28.54 6.47
N ASP A 541 -14.38 29.05 7.25
CA ASP A 541 -15.77 29.26 6.81
C ASP A 541 -16.30 27.94 6.23
N GLY A 542 -16.05 26.84 6.93
CA GLY A 542 -16.61 25.51 6.62
C GLY A 542 -15.87 24.78 5.51
N ARG A 543 -14.81 25.36 4.94
CA ARG A 543 -14.12 24.80 3.77
C ARG A 543 -12.65 24.51 4.09
N ILE A 544 -12.04 23.63 3.31
CA ILE A 544 -10.58 23.33 3.41
C ILE A 544 -9.82 24.53 2.82
N GLU A 545 -9.03 25.19 3.66
CA GLU A 545 -8.15 26.31 3.25
C GLU A 545 -6.79 25.75 2.81
N ASN A 546 -6.22 24.84 3.59
CA ASN A 546 -4.95 24.16 3.24
C ASN A 546 -5.06 22.72 3.74
N TYR A 547 -4.50 21.80 2.96
CA TYR A 547 -4.44 20.38 3.34
C TYR A 547 -3.10 19.86 2.84
N GLN A 548 -2.22 19.50 3.77
CA GLN A 548 -0.86 19.02 3.44
C GLN A 548 -0.64 17.66 4.08
N CYS A 549 -0.15 16.74 3.27
CA CYS A 549 0.17 15.36 3.69
C CYS A 549 1.68 15.17 3.67
N VAL A 550 2.21 14.59 4.73
CA VAL A 550 3.62 14.13 4.77
C VAL A 550 3.54 12.64 5.11
N VAL A 551 3.96 11.81 4.17
CA VAL A 551 3.58 10.38 4.13
C VAL A 551 4.84 9.57 4.34
N PRO A 552 4.76 8.33 4.88
CA PRO A 552 6.00 7.65 5.25
C PRO A 552 7.02 7.54 4.11
N THR A 553 6.57 7.18 2.91
CA THR A 553 7.49 7.00 1.78
C THR A 553 7.99 8.38 1.32
N THR A 554 7.29 9.47 1.65
CA THR A 554 7.84 10.83 1.44
C THR A 554 9.15 10.94 2.25
N TRP A 555 9.11 10.56 3.53
CA TRP A 555 10.35 10.55 4.36
C TRP A 555 11.38 9.64 3.70
N ASN A 556 11.07 8.37 3.53
CA ASN A 556 12.11 7.37 3.19
C ASN A 556 12.65 7.61 1.77
N GLY A 557 11.78 7.94 0.83
CA GLY A 557 12.14 8.07 -0.60
C GLY A 557 12.62 9.46 -0.98
N SER A 558 12.65 10.39 -0.01
CA SER A 558 12.95 11.82 -0.28
CA SER A 558 13.04 11.82 -0.13
C SER A 558 14.27 12.00 -1.01
N PRO A 559 14.32 13.01 -1.90
CA PRO A 559 15.57 13.44 -2.51
C PRO A 559 16.35 14.29 -1.50
N ARG A 560 17.50 14.78 -1.91
CA ARG A 560 18.39 15.58 -1.04
C ARG A 560 17.72 16.90 -0.67
N ASP A 561 18.09 17.43 0.48
CA ASP A 561 17.53 18.70 1.02
C ASP A 561 18.45 19.85 0.64
N TYR A 562 18.19 21.03 1.19
CA TYR A 562 18.97 22.25 0.85
C TYR A 562 20.44 22.02 1.22
N LYS A 563 20.71 21.34 2.33
CA LYS A 563 22.09 21.06 2.84
C LYS A 563 22.72 19.88 2.08
N GLY A 564 22.00 19.23 1.17
CA GLY A 564 22.52 18.07 0.41
C GLY A 564 22.46 16.77 1.20
N GLN A 565 21.74 16.73 2.33
CA GLN A 565 21.61 15.50 3.13
C GLN A 565 20.73 14.50 2.38
N ILE A 566 21.11 13.23 2.40
CA ILE A 566 20.40 12.14 1.68
C ILE A 566 19.32 11.56 2.61
N GLY A 567 18.28 11.05 1.96
CA GLY A 567 17.20 10.33 2.64
C GLY A 567 17.48 8.84 2.79
N ALA A 568 16.53 8.14 3.37
CA ALA A 568 16.72 6.74 3.82
C ALA A 568 17.00 5.81 2.64
N PHE A 569 16.28 5.90 1.54
CA PHE A 569 16.50 4.99 0.39
C PHE A 569 17.94 5.16 -0.11
N GLU A 570 18.36 6.40 -0.35
CA GLU A 570 19.70 6.67 -0.94
C GLU A 570 20.76 6.16 0.03
N ALA A 571 20.62 6.42 1.33
CA ALA A 571 21.61 5.98 2.35
C ALA A 571 21.68 4.45 2.39
N SER A 572 20.53 3.76 2.25
CA SER A 572 20.44 2.30 2.41
C SER A 572 21.20 1.59 1.29
N LEU A 573 21.24 2.16 0.09
CA LEU A 573 21.90 1.50 -1.06
C LEU A 573 23.41 1.68 -0.99
N MET A 574 23.88 2.72 -0.30
CA MET A 574 25.32 3.07 -0.25
C MET A 574 26.11 1.85 0.22
N ASN A 575 27.25 1.64 -0.43
CA ASN A 575 28.33 0.74 0.05
C ASN A 575 27.86 -0.71 -0.02
N THR A 576 26.99 -1.02 -0.98
CA THR A 576 26.50 -2.38 -1.23
C THR A 576 27.15 -2.92 -2.50
N PRO A 577 27.86 -4.07 -2.44
CA PRO A 577 28.36 -4.70 -3.65
C PRO A 577 27.20 -5.30 -4.47
N MET A 578 27.34 -5.26 -5.79
CA MET A 578 26.42 -5.95 -6.73
C MET A 578 27.18 -7.10 -7.38
N VAL A 579 26.58 -8.28 -7.44
CA VAL A 579 27.15 -9.45 -8.15
C VAL A 579 27.31 -9.08 -9.63
N ASN A 580 26.31 -8.43 -10.20
CA ASN A 580 26.28 -8.02 -11.63
C ASN A 580 25.62 -6.66 -11.70
N PRO A 581 26.36 -5.58 -12.06
CA PRO A 581 25.79 -4.24 -12.02
C PRO A 581 24.55 -4.07 -12.94
N GLU A 582 24.39 -4.98 -13.92
CA GLU A 582 23.27 -4.94 -14.91
C GLU A 582 22.05 -5.73 -14.41
N GLN A 583 22.15 -6.40 -13.26
CA GLN A 583 21.02 -7.11 -12.61
C GLN A 583 20.78 -6.47 -11.25
N PRO A 584 19.68 -5.71 -11.07
CA PRO A 584 19.49 -4.92 -9.86
C PRO A 584 19.03 -5.72 -8.63
N VAL A 585 19.53 -6.95 -8.44
CA VAL A 585 19.01 -7.85 -7.37
C VAL A 585 19.17 -7.18 -6.00
N GLU A 586 20.36 -6.68 -5.70
CA GLU A 586 20.67 -6.09 -4.37
C GLU A 586 19.93 -4.77 -4.20
N ILE A 587 19.80 -3.99 -5.28
CA ILE A 587 19.08 -2.69 -5.26
C ILE A 587 17.62 -2.95 -4.90
N LEU A 588 17.00 -3.92 -5.56
CA LEU A 588 15.59 -4.27 -5.32
C LEU A 588 15.45 -4.82 -3.89
N ARG A 589 16.36 -5.69 -3.45
CA ARG A 589 16.22 -6.31 -2.11
C ARG A 589 16.18 -5.20 -1.04
N THR A 590 17.09 -4.24 -1.11
CA THR A 590 17.17 -3.18 -0.10
C THR A 590 16.02 -2.19 -0.29
N LEU A 591 15.76 -1.70 -1.51
CA LEU A 591 14.63 -0.72 -1.68
C LEU A 591 13.34 -1.37 -1.21
N HIS A 592 13.10 -2.61 -1.60
CA HIS A 592 11.87 -3.33 -1.23
C HIS A 592 11.77 -3.47 0.28
N SER A 593 12.88 -3.50 1.02
CA SER A 593 12.81 -3.65 2.49
C SER A 593 12.13 -2.43 3.14
N PHE A 594 12.04 -1.30 2.46
CA PHE A 594 11.30 -0.10 2.92
C PHE A 594 9.83 -0.19 2.54
N ASP A 595 9.47 -1.14 1.67
CA ASP A 595 8.09 -1.28 1.18
C ASP A 595 7.67 0.05 0.54
N PRO A 596 8.38 0.52 -0.51
CA PRO A 596 8.07 1.82 -1.10
C PRO A 596 6.65 1.89 -1.65
N CYS A 597 5.94 2.95 -1.28
CA CYS A 597 4.63 3.26 -1.85
C CYS A 597 4.70 4.63 -2.51
N LEU A 598 4.84 4.64 -3.82
CA LEU A 598 5.21 5.89 -4.52
C LEU A 598 3.99 6.80 -4.69
N ALA A 599 2.79 6.23 -4.83
CA ALA A 599 1.55 7.04 -4.83
C ALA A 599 1.40 7.74 -3.49
N CYS A 600 1.66 7.02 -2.39
CA CYS A 600 1.72 7.64 -1.05
C CYS A 600 2.75 8.78 -1.01
N SER A 601 3.95 8.52 -1.52
CA SER A 601 5.09 9.44 -1.32
C SER A 601 4.79 10.80 -1.96
N THR A 602 4.02 10.80 -3.05
CA THR A 602 3.84 11.98 -3.94
C THR A 602 2.44 12.58 -3.77
N HIS A 603 1.43 11.74 -3.64
CA HIS A 603 0.00 12.15 -3.46
C HIS A 603 -0.34 13.30 -4.40
N LYS B 4 -2.28 -25.35 -25.74
CA LYS B 4 -2.92 -24.04 -26.07
C LYS B 4 -2.29 -22.95 -25.22
N PRO B 5 -1.77 -21.85 -25.81
CA PRO B 5 -1.25 -20.73 -25.03
C PRO B 5 -2.36 -20.09 -24.17
N ARG B 6 -2.01 -19.64 -22.98
CA ARG B 6 -2.85 -18.74 -22.15
C ARG B 6 -2.71 -17.32 -22.72
N THR B 7 -3.81 -16.60 -22.90
CA THR B 7 -3.77 -15.24 -23.51
C THR B 7 -2.86 -14.34 -22.68
N PRO B 8 -1.82 -13.73 -23.27
CA PRO B 8 -1.03 -12.75 -22.55
C PRO B 8 -1.88 -11.54 -22.13
N VAL B 9 -1.66 -11.08 -20.90
CA VAL B 9 -2.16 -9.79 -20.38
C VAL B 9 -0.96 -8.91 -20.05
N LEU B 10 -0.90 -7.74 -20.66
CA LEU B 10 0.06 -6.68 -20.31
C LEU B 10 -0.72 -5.64 -19.50
N TRP B 11 -0.47 -5.62 -18.20
CA TRP B 11 -1.19 -4.78 -17.23
C TRP B 11 -0.34 -3.55 -16.93
N LEU B 12 -0.68 -2.42 -17.55
CA LEU B 12 0.04 -1.14 -17.38
C LEU B 12 -0.57 -0.37 -16.20
N HIS B 13 0.25 0.42 -15.54
CA HIS B 13 -0.13 1.31 -14.44
C HIS B 13 0.26 2.74 -14.81
N GLY B 14 -0.71 3.64 -14.92
CA GLY B 14 -0.47 5.08 -15.08
C GLY B 14 -0.51 5.78 -13.73
N LEU B 15 -1.12 6.96 -13.67
CA LEU B 15 -1.43 7.62 -12.39
C LEU B 15 -2.58 6.84 -11.75
N GLU B 16 -2.35 6.33 -10.56
CA GLU B 16 -3.32 5.44 -9.87
CA GLU B 16 -3.27 5.39 -9.89
C GLU B 16 -2.96 5.34 -8.39
N CYS B 17 -3.81 4.65 -7.63
CA CYS B 17 -3.57 4.36 -6.21
C CYS B 17 -3.36 2.84 -6.03
N THR B 18 -3.55 2.03 -7.06
CA THR B 18 -3.30 0.55 -7.09
C THR B 18 -4.45 -0.20 -6.40
N SER B 21 -5.61 -3.30 -8.68
CA SER B 21 -4.69 -4.48 -8.53
C SER B 21 -5.02 -5.21 -7.22
N GLU B 22 -5.22 -4.45 -6.14
CA GLU B 22 -5.55 -5.05 -4.83
C GLU B 22 -6.93 -5.71 -4.90
N SER B 23 -7.92 -5.06 -5.49
CA SER B 23 -9.28 -5.65 -5.59
C SER B 23 -9.19 -6.97 -6.36
N PHE B 24 -8.44 -7.00 -7.46
CA PHE B 24 -8.29 -8.20 -8.31
C PHE B 24 -7.92 -9.41 -7.44
N ILE B 25 -6.93 -9.27 -6.56
CA ILE B 25 -6.43 -10.43 -5.77
C ILE B 25 -7.38 -10.76 -4.60
N ARG B 26 -8.45 -10.00 -4.40
CA ARG B 26 -9.49 -10.37 -3.40
C ARG B 26 -10.49 -11.37 -4.00
N SER B 27 -10.43 -11.65 -5.30
CA SER B 27 -11.44 -12.50 -5.97
C SER B 27 -11.47 -13.90 -5.32
N ALA B 28 -12.65 -14.38 -4.96
CA ALA B 28 -12.84 -15.74 -4.40
C ALA B 28 -13.25 -16.71 -5.50
N HIS B 29 -13.95 -16.21 -6.53
CA HIS B 29 -14.52 -17.03 -7.62
C HIS B 29 -14.41 -16.26 -8.95
N PRO B 30 -13.36 -16.49 -9.77
CA PRO B 30 -12.26 -17.41 -9.45
C PRO B 30 -11.19 -16.79 -8.54
N LEU B 31 -10.30 -17.62 -7.99
CA LEU B 31 -9.10 -17.14 -7.27
C LEU B 31 -8.17 -16.44 -8.26
N ALA B 32 -7.56 -15.32 -7.86
CA ALA B 32 -6.54 -14.63 -8.69
C ALA B 32 -5.40 -15.61 -8.98
N LYS B 33 -5.04 -16.47 -8.01
CA LYS B 33 -4.00 -17.50 -8.18
C LYS B 33 -4.31 -18.35 -9.42
N ASP B 34 -5.55 -18.82 -9.54
CA ASP B 34 -5.98 -19.70 -10.66
C ASP B 34 -6.03 -18.89 -11.96
N VAL B 35 -6.44 -17.61 -11.91
CA VAL B 35 -6.42 -16.74 -13.12
C VAL B 35 -4.98 -16.64 -13.64
N VAL B 36 -4.02 -16.38 -12.75
CA VAL B 36 -2.60 -16.10 -13.12
C VAL B 36 -1.90 -17.40 -13.56
N LEU B 37 -2.17 -18.52 -12.90
CA LEU B 37 -1.45 -19.79 -13.18
C LEU B 37 -2.09 -20.54 -14.35
N SER B 38 -3.41 -20.41 -14.57
CA SER B 38 -4.18 -21.37 -15.40
C SER B 38 -5.01 -20.70 -16.50
N MET B 39 -5.24 -19.37 -16.47
CA MET B 39 -6.21 -18.72 -17.39
CA MET B 39 -6.21 -18.73 -17.40
C MET B 39 -5.49 -17.73 -18.31
N ILE B 40 -4.77 -16.77 -17.73
CA ILE B 40 -4.02 -15.74 -18.50
C ILE B 40 -2.53 -16.02 -18.36
N SER B 41 -1.71 -15.33 -19.14
CA SER B 41 -0.27 -15.18 -18.88
C SER B 41 0.00 -13.72 -18.51
N LEU B 42 0.16 -13.45 -17.23
CA LEU B 42 0.32 -12.06 -16.74
C LEU B 42 1.79 -11.68 -16.91
N ASP B 43 2.12 -11.14 -18.07
CA ASP B 43 3.52 -11.05 -18.58
C ASP B 43 4.15 -9.73 -18.17
N TYR B 44 3.34 -8.70 -17.91
CA TYR B 44 3.84 -7.39 -17.45
C TYR B 44 2.85 -6.85 -16.43
N ASP B 45 3.36 -6.48 -15.27
CA ASP B 45 2.55 -5.95 -14.15
C ASP B 45 3.53 -5.43 -13.10
N ASP B 46 3.70 -4.11 -13.02
CA ASP B 46 4.70 -3.46 -12.14
C ASP B 46 4.57 -3.97 -10.69
N THR B 47 3.38 -4.35 -10.26
CA THR B 47 3.07 -4.71 -8.85
CA THR B 47 3.05 -4.70 -8.85
C THR B 47 3.74 -6.03 -8.45
N LEU B 48 3.79 -7.00 -9.37
CA LEU B 48 4.04 -8.43 -9.01
CA LEU B 48 4.06 -8.42 -8.99
C LEU B 48 5.26 -8.98 -9.76
N MET B 49 5.69 -8.34 -10.84
CA MET B 49 6.64 -8.99 -11.77
C MET B 49 8.05 -9.06 -11.18
N ALA B 50 8.77 -10.14 -11.47
CA ALA B 50 10.15 -10.39 -10.99
C ALA B 50 11.11 -9.37 -11.61
N ALA B 51 11.01 -9.14 -12.93
CA ALA B 51 11.96 -8.30 -13.67
C ALA B 51 11.71 -6.81 -13.35
N ALA B 52 12.78 -6.03 -13.37
CA ALA B 52 12.73 -4.55 -13.21
C ALA B 52 13.46 -3.90 -14.38
N GLY B 53 13.33 -2.58 -14.49
CA GLY B 53 14.14 -1.75 -15.41
C GLY B 53 14.18 -2.31 -16.81
N HIS B 54 15.37 -2.50 -17.36
CA HIS B 54 15.57 -2.89 -18.77
C HIS B 54 14.95 -4.27 -19.02
N GLN B 55 15.01 -5.17 -18.04
CA GLN B 55 14.52 -6.56 -18.19
C GLN B 55 12.98 -6.55 -18.26
N ALA B 56 12.33 -5.69 -17.46
CA ALA B 56 10.87 -5.51 -17.47
C ALA B 56 10.43 -4.94 -18.83
N GLU B 57 11.07 -3.87 -19.29
CA GLU B 57 10.61 -3.17 -20.52
CA GLU B 57 10.66 -3.16 -20.52
C GLU B 57 10.80 -4.09 -21.72
N ALA B 58 11.81 -4.96 -21.71
CA ALA B 58 12.10 -5.91 -22.82
C ALA B 58 10.94 -6.89 -23.01
N ILE B 59 10.15 -7.17 -21.96
CA ILE B 59 9.00 -8.11 -22.05
C ILE B 59 7.97 -7.56 -23.04
N LEU B 60 7.70 -6.25 -23.02
CA LEU B 60 6.60 -5.66 -23.84
C LEU B 60 6.84 -5.97 -25.32
N GLU B 61 8.02 -5.68 -25.85
CA GLU B 61 8.33 -5.92 -27.29
CA GLU B 61 8.34 -5.92 -27.28
C GLU B 61 8.19 -7.42 -27.60
N GLU B 62 8.71 -8.28 -26.71
CA GLU B 62 8.72 -9.75 -26.92
C GLU B 62 7.27 -10.23 -27.08
N ILE B 63 6.37 -9.85 -26.17
CA ILE B 63 4.97 -10.34 -26.19
C ILE B 63 4.24 -9.72 -27.39
N MET B 64 4.44 -8.42 -27.62
CA MET B 64 3.72 -7.68 -28.69
C MET B 64 4.08 -8.27 -30.06
N THR B 65 5.31 -8.74 -30.24
CA THR B 65 5.78 -9.39 -31.49
C THR B 65 5.17 -10.79 -31.60
N LYS B 66 5.37 -11.63 -30.59
CA LYS B 66 5.00 -13.07 -30.63
C LYS B 66 3.48 -13.21 -30.65
N TYR B 67 2.75 -12.31 -29.99
CA TYR B 67 1.28 -12.41 -29.81
C TYR B 67 0.56 -11.21 -30.42
N LYS B 68 1.10 -10.68 -31.52
CA LYS B 68 0.55 -9.49 -32.21
C LYS B 68 -0.95 -9.67 -32.45
N GLY B 69 -1.75 -8.70 -31.97
CA GLY B 69 -3.21 -8.70 -32.13
C GLY B 69 -3.89 -9.83 -31.38
N ASN B 70 -3.21 -10.41 -30.39
CA ASN B 70 -3.73 -11.60 -29.65
C ASN B 70 -3.28 -11.54 -28.19
N TYR B 71 -3.04 -10.33 -27.66
CA TYR B 71 -2.86 -10.09 -26.21
C TYR B 71 -3.89 -9.06 -25.76
N ILE B 72 -4.16 -9.06 -24.46
CA ILE B 72 -5.05 -8.07 -23.81
C ILE B 72 -4.16 -7.00 -23.17
N LEU B 73 -4.45 -5.74 -23.43
CA LEU B 73 -3.90 -4.59 -22.66
C LEU B 73 -4.89 -4.26 -21.56
N ALA B 74 -4.47 -4.40 -20.31
CA ALA B 74 -5.23 -3.93 -19.14
C ALA B 74 -4.56 -2.65 -18.64
N VAL B 75 -5.34 -1.60 -18.40
CA VAL B 75 -4.79 -0.31 -17.91
C VAL B 75 -5.43 0.00 -16.57
N GLU B 76 -4.59 0.14 -15.56
CA GLU B 76 -4.96 0.71 -14.25
C GLU B 76 -4.38 2.13 -14.21
N GLY B 77 -5.17 3.10 -13.81
CA GLY B 77 -4.69 4.49 -13.79
C GLY B 77 -4.83 5.15 -15.14
N ASN B 78 -4.25 6.33 -15.26
CA ASN B 78 -4.45 7.16 -16.47
C ASN B 78 -3.21 8.00 -16.76
N PRO B 79 -3.10 8.47 -18.01
CA PRO B 79 -2.02 9.38 -18.38
C PRO B 79 -2.33 10.85 -18.07
N PRO B 80 -1.34 11.59 -17.51
CA PRO B 80 -1.43 13.04 -17.39
C PRO B 80 -0.96 13.73 -18.67
N LEU B 81 -1.63 14.80 -19.08
CA LEU B 81 -1.24 15.59 -20.28
C LEU B 81 -0.45 16.85 -19.87
N ASN B 82 -0.53 17.26 -18.61
CA ASN B 82 0.26 18.42 -18.11
C ASN B 82 1.68 17.95 -17.77
N GLN B 83 2.55 18.90 -17.45
CA GLN B 83 3.98 18.64 -17.15
C GLN B 83 4.64 17.86 -18.31
N ASP B 84 4.20 18.10 -19.55
CA ASP B 84 4.69 17.40 -20.77
C ASP B 84 4.56 15.88 -20.59
N GLY B 85 3.59 15.44 -19.79
CA GLY B 85 3.33 14.01 -19.53
C GLY B 85 4.27 13.43 -18.48
N MET B 86 5.18 14.23 -17.92
CA MET B 86 6.26 13.74 -17.03
C MET B 86 5.85 13.85 -15.57
N SER B 87 4.57 14.08 -15.29
CA SER B 87 3.96 13.76 -13.97
C SER B 87 3.65 12.25 -13.88
N CYS B 88 3.96 11.48 -14.93
CA CYS B 88 3.98 10.00 -14.83
C CYS B 88 5.04 9.46 -15.79
N ILE B 89 6.20 9.11 -15.25
CA ILE B 89 7.40 8.74 -16.04
C ILE B 89 7.61 7.23 -15.92
N ILE B 90 7.77 6.55 -17.05
CA ILE B 90 8.18 5.12 -17.10
C ILE B 90 9.37 5.01 -18.06
N GLY B 91 10.49 4.47 -17.59
CA GLY B 91 11.68 4.30 -18.44
C GLY B 91 12.17 5.64 -18.97
N GLY B 92 12.04 6.69 -18.17
CA GLY B 92 12.51 8.05 -18.51
C GLY B 92 11.62 8.76 -19.53
N ARG B 93 10.46 8.18 -19.87
CA ARG B 93 9.55 8.74 -20.91
C ARG B 93 8.15 8.89 -20.33
N PRO B 94 7.30 9.75 -20.92
CA PRO B 94 5.92 9.87 -20.44
C PRO B 94 5.18 8.54 -20.55
N PHE B 95 4.36 8.25 -19.54
CA PHE B 95 3.50 7.04 -19.52
C PHE B 95 2.65 6.99 -20.80
N ILE B 96 2.15 8.13 -21.28
CA ILE B 96 1.25 8.13 -22.46
C ILE B 96 1.94 7.46 -23.65
N GLU B 97 3.28 7.55 -23.75
CA GLU B 97 4.03 6.94 -24.87
C GLU B 97 4.01 5.41 -24.72
N GLN B 98 4.13 4.90 -23.50
CA GLN B 98 4.03 3.44 -23.24
C GLN B 98 2.61 2.97 -23.56
N LEU B 99 1.61 3.71 -23.11
CA LEU B 99 0.18 3.36 -23.31
C LEU B 99 -0.10 3.23 -24.81
N LYS B 100 0.30 4.23 -25.60
CA LYS B 100 0.02 4.26 -27.06
C LYS B 100 0.77 3.11 -27.74
N TYR B 101 2.02 2.85 -27.34
CA TYR B 101 2.87 1.78 -27.91
C TYR B 101 2.17 0.42 -27.71
N VAL B 102 1.80 0.10 -26.48
CA VAL B 102 1.25 -1.25 -26.15
C VAL B 102 -0.17 -1.37 -26.72
N ALA B 103 -0.93 -0.27 -26.75
CA ALA B 103 -2.33 -0.28 -27.24
C ALA B 103 -2.38 -0.68 -28.72
N LYS B 104 -1.37 -0.34 -29.52
CA LYS B 104 -1.48 -0.38 -31.00
C LYS B 104 -1.76 -1.81 -31.49
N ASP B 105 -1.23 -2.85 -30.85
CA ASP B 105 -1.34 -4.26 -31.33
C ASP B 105 -2.17 -5.12 -30.35
N ALA B 106 -2.89 -4.50 -29.42
CA ALA B 106 -3.77 -5.22 -28.47
C ALA B 106 -5.04 -5.71 -29.20
N LYS B 107 -5.51 -6.91 -28.87
CA LYS B 107 -6.79 -7.41 -29.43
CA LYS B 107 -6.79 -7.48 -29.36
C LYS B 107 -7.95 -6.75 -28.68
N ALA B 108 -7.78 -6.44 -27.39
CA ALA B 108 -8.79 -5.75 -26.56
C ALA B 108 -8.08 -4.93 -25.48
N ILE B 109 -8.74 -3.87 -25.03
CA ILE B 109 -8.23 -2.98 -23.96
C ILE B 109 -9.25 -2.96 -22.83
N ILE B 110 -8.81 -3.29 -21.63
CA ILE B 110 -9.62 -3.16 -20.39
C ILE B 110 -9.18 -1.90 -19.67
N SER B 111 -10.11 -0.96 -19.46
CA SER B 111 -9.92 0.20 -18.57
C SER B 111 -10.37 -0.20 -17.17
N TRP B 112 -9.42 -0.63 -16.33
CA TRP B 112 -9.72 -1.01 -14.92
C TRP B 112 -10.03 0.24 -14.12
N GLY B 113 -11.15 0.24 -13.43
CA GLY B 113 -11.43 1.25 -12.39
C GLY B 113 -11.83 2.58 -12.97
N SER B 114 -12.24 3.46 -12.08
CA SER B 114 -12.65 4.84 -12.42
C SER B 114 -11.47 5.64 -12.97
N CYS B 115 -10.23 5.42 -12.54
CA CYS B 115 -9.06 6.17 -13.07
CA CYS B 115 -9.08 6.19 -13.06
C CYS B 115 -8.98 5.95 -14.58
N ALA B 116 -8.89 4.70 -15.01
CA ALA B 116 -8.71 4.41 -16.45
C ALA B 116 -9.99 4.75 -17.21
N SER B 117 -11.16 4.50 -16.60
CA SER B 117 -12.48 4.68 -17.25
C SER B 117 -12.79 6.17 -17.48
N TRP B 118 -12.60 7.00 -16.45
CA TRP B 118 -13.18 8.38 -16.41
C TRP B 118 -12.18 9.44 -15.93
N GLY B 119 -11.25 9.09 -15.05
CA GLY B 119 -10.27 10.05 -14.50
C GLY B 119 -10.07 9.88 -13.00
N VAL B 121 -9.87 10.35 -8.95
CA VAL B 121 -9.64 11.44 -7.97
C VAL B 121 -8.67 12.49 -8.55
N GLN B 122 -7.64 12.07 -9.28
CA GLN B 122 -6.64 13.02 -9.83
C GLN B 122 -7.30 13.93 -10.87
N ALA B 123 -8.41 13.50 -11.47
CA ALA B 123 -9.13 14.30 -12.50
C ALA B 123 -10.19 15.19 -11.84
N ALA B 124 -10.38 15.08 -10.53
CA ALA B 124 -11.32 15.97 -9.80
C ALA B 124 -10.78 17.40 -9.87
N LYS B 125 -11.66 18.39 -9.81
CA LYS B 125 -11.26 19.81 -9.99
CA LYS B 125 -11.26 19.81 -9.99
C LYS B 125 -10.19 20.14 -8.98
N PRO B 126 -9.10 20.87 -9.35
CA PRO B 126 -8.89 21.41 -10.69
C PRO B 126 -7.98 20.59 -11.63
N ASN B 127 -7.84 19.30 -11.37
CA ASN B 127 -7.08 18.35 -12.23
C ASN B 127 -5.71 18.94 -12.58
N PRO B 128 -4.81 19.05 -11.59
CA PRO B 128 -3.50 19.67 -11.81
C PRO B 128 -2.63 19.00 -12.89
N THR B 129 -2.81 17.71 -13.13
CA THR B 129 -1.96 16.95 -14.10
C THR B 129 -2.67 16.78 -15.44
N GLN B 130 -3.90 17.28 -15.58
CA GLN B 130 -4.77 16.97 -16.75
CA GLN B 130 -4.79 16.97 -16.75
C GLN B 130 -4.78 15.46 -16.98
N ALA B 131 -5.04 14.71 -15.91
CA ALA B 131 -5.24 13.26 -15.96
C ALA B 131 -6.44 13.00 -16.87
N THR B 132 -6.28 12.08 -17.82
CA THR B 132 -7.20 11.87 -18.95
C THR B 132 -7.51 10.38 -19.04
N PRO B 133 -8.80 9.96 -19.13
CA PRO B 133 -9.11 8.54 -19.22
C PRO B 133 -8.60 7.93 -20.54
N VAL B 134 -8.40 6.62 -20.53
CA VAL B 134 -7.73 5.88 -21.64
C VAL B 134 -8.48 6.12 -22.95
N HIS B 135 -9.81 6.08 -22.95
CA HIS B 135 -10.63 6.13 -24.20
C HIS B 135 -10.56 7.50 -24.86
N LYS B 136 -10.03 8.53 -24.18
CA LYS B 136 -9.84 9.88 -24.79
CA LYS B 136 -9.83 9.88 -24.78
C LYS B 136 -8.44 9.99 -25.40
N VAL B 137 -7.57 9.01 -25.14
CA VAL B 137 -6.18 8.96 -25.69
C VAL B 137 -6.12 7.90 -26.78
N ILE B 138 -6.68 6.72 -26.51
CA ILE B 138 -6.74 5.57 -27.47
C ILE B 138 -8.14 5.55 -28.08
N THR B 139 -8.27 5.97 -29.33
CA THR B 139 -9.59 6.25 -29.96
C THR B 139 -9.89 5.25 -31.08
N ASP B 140 -8.98 4.30 -31.35
CA ASP B 140 -9.05 3.40 -32.53
C ASP B 140 -8.98 1.94 -32.09
N LYS B 141 -9.26 1.64 -30.82
CA LYS B 141 -9.20 0.27 -30.27
C LYS B 141 -10.44 0.00 -29.44
N PRO B 142 -10.93 -1.26 -29.40
CA PRO B 142 -12.09 -1.62 -28.59
C PRO B 142 -11.72 -1.58 -27.11
N ILE B 143 -12.45 -0.75 -26.33
CA ILE B 143 -12.19 -0.56 -24.87
C ILE B 143 -13.44 -1.00 -24.09
N ILE B 144 -13.24 -1.82 -23.07
CA ILE B 144 -14.30 -2.14 -22.07
C ILE B 144 -13.95 -1.37 -20.79
N LYS B 145 -14.88 -0.54 -20.31
CA LYS B 145 -14.71 0.22 -19.05
C LYS B 145 -15.23 -0.64 -17.90
N VAL B 146 -14.46 -0.73 -16.82
CA VAL B 146 -14.85 -1.49 -15.61
C VAL B 146 -14.75 -0.53 -14.43
N PRO B 147 -15.69 0.44 -14.33
CA PRO B 147 -15.50 1.53 -13.38
C PRO B 147 -15.83 1.13 -11.93
N GLY B 148 -15.51 2.04 -11.02
CA GLY B 148 -15.54 1.77 -9.59
C GLY B 148 -14.20 2.05 -8.98
N CYS B 149 -14.18 2.40 -7.70
CA CYS B 149 -12.97 2.86 -7.01
C CYS B 149 -12.76 2.04 -5.75
N PRO B 150 -12.29 0.78 -5.84
CA PRO B 150 -12.11 0.05 -7.09
C PRO B 150 -13.39 -0.65 -7.51
N PRO B 151 -13.39 -1.35 -8.67
CA PRO B 151 -14.48 -2.27 -8.99
C PRO B 151 -14.46 -3.44 -8.01
N ILE B 152 -15.61 -4.11 -7.87
CA ILE B 152 -15.74 -5.36 -7.09
C ILE B 152 -14.77 -6.41 -7.66
N ALA B 153 -14.12 -7.19 -6.79
CA ALA B 153 -13.12 -8.19 -7.21
C ALA B 153 -13.72 -9.13 -8.26
N GLU B 154 -14.91 -9.67 -7.97
CA GLU B 154 -15.54 -10.69 -8.86
C GLU B 154 -16.03 -10.05 -10.16
N VAL B 155 -16.27 -8.74 -10.18
CA VAL B 155 -16.56 -8.03 -11.46
C VAL B 155 -15.29 -8.04 -12.32
N MET B 156 -14.13 -7.74 -11.73
CA MET B 156 -12.86 -7.71 -12.49
C MET B 156 -12.56 -9.11 -13.03
N THR B 157 -12.60 -10.14 -12.19
CA THR B 157 -12.26 -11.51 -12.64
C THR B 157 -13.38 -12.06 -13.52
N GLY B 158 -14.61 -11.60 -13.33
CA GLY B 158 -15.75 -11.97 -14.19
C GLY B 158 -15.55 -11.47 -15.62
N VAL B 159 -15.06 -10.24 -15.76
CA VAL B 159 -14.74 -9.66 -17.10
C VAL B 159 -13.65 -10.52 -17.76
N ILE B 160 -12.56 -10.80 -17.05
CA ILE B 160 -11.43 -11.62 -17.58
CA ILE B 160 -11.45 -11.62 -17.60
C ILE B 160 -11.98 -13.00 -18.00
N THR B 161 -12.76 -13.63 -17.12
CA THR B 161 -13.27 -15.01 -17.35
C THR B 161 -14.10 -15.02 -18.63
N TYR B 162 -15.00 -14.06 -18.80
CA TYR B 162 -15.86 -13.97 -20.01
C TYR B 162 -14.94 -13.83 -21.24
N MET B 163 -14.02 -12.88 -21.20
CA MET B 163 -13.18 -12.56 -22.38
C MET B 163 -12.33 -13.78 -22.76
N LEU B 164 -11.83 -14.54 -21.79
CA LEU B 164 -10.94 -15.71 -22.07
CA LEU B 164 -10.96 -15.70 -22.09
C LEU B 164 -11.80 -16.88 -22.56
N THR B 165 -12.98 -17.08 -21.98
CA THR B 165 -13.85 -18.22 -22.39
C THR B 165 -14.31 -18.02 -23.84
N PHE B 166 -14.74 -16.80 -24.19
CA PHE B 166 -15.49 -16.54 -25.44
C PHE B 166 -14.63 -15.85 -26.49
N ASP B 167 -13.44 -15.34 -26.12
CA ASP B 167 -12.60 -14.55 -27.05
C ASP B 167 -13.43 -13.40 -27.63
N ARG B 168 -14.23 -12.77 -26.78
CA ARG B 168 -15.16 -11.67 -27.13
C ARG B 168 -15.21 -10.72 -25.94
N ILE B 169 -15.41 -9.43 -26.21
CA ILE B 169 -15.83 -8.45 -25.18
C ILE B 169 -17.32 -8.68 -24.92
N PRO B 170 -17.79 -8.70 -23.65
CA PRO B 170 -19.22 -8.85 -23.38
C PRO B 170 -20.01 -7.63 -23.87
N GLU B 171 -21.34 -7.76 -23.94
CA GLU B 171 -22.24 -6.67 -24.38
C GLU B 171 -22.01 -5.46 -23.45
N LEU B 172 -21.81 -4.29 -24.04
CA LEU B 172 -21.56 -3.02 -23.31
C LEU B 172 -22.77 -2.10 -23.41
N ASP B 173 -22.97 -1.28 -22.38
CA ASP B 173 -23.93 -0.16 -22.41
C ASP B 173 -23.31 1.01 -23.19
N ARG B 174 -24.03 2.12 -23.33
CA ARG B 174 -23.59 3.28 -24.15
C ARG B 174 -22.28 3.84 -23.61
N GLN B 175 -22.02 3.70 -22.31
CA GLN B 175 -20.79 4.23 -21.65
C GLN B 175 -19.64 3.20 -21.69
N GLY B 176 -19.84 2.06 -22.36
CA GLY B 176 -18.78 1.05 -22.56
C GLY B 176 -18.58 0.14 -21.36
N ARG B 177 -19.58 0.04 -20.47
CA ARG B 177 -19.52 -0.83 -19.27
C ARG B 177 -20.21 -2.15 -19.58
N PRO B 178 -19.71 -3.30 -19.06
CA PRO B 178 -20.37 -4.58 -19.31
C PRO B 178 -21.76 -4.63 -18.66
N LYS B 179 -22.78 -4.88 -19.46
CA LYS B 179 -24.18 -4.97 -19.00
C LYS B 179 -24.31 -6.07 -17.94
N MET B 180 -23.50 -7.12 -18.00
CA MET B 180 -23.64 -8.28 -17.08
C MET B 180 -23.29 -7.87 -15.64
N PHE B 181 -22.64 -6.71 -15.45
CA PHE B 181 -22.24 -6.22 -14.09
C PHE B 181 -22.82 -4.82 -13.77
N TYR B 182 -23.14 -4.00 -14.77
CA TYR B 182 -23.47 -2.55 -14.56
C TYR B 182 -24.89 -2.20 -15.06
N SER B 183 -25.79 -3.17 -15.20
CA SER B 183 -27.17 -2.92 -15.71
CA SER B 183 -27.17 -2.92 -15.71
C SER B 183 -28.09 -2.38 -14.60
N GLN B 184 -27.76 -2.64 -13.33
CA GLN B 184 -28.62 -2.27 -12.18
C GLN B 184 -28.05 -1.04 -11.46
N ARG B 185 -28.91 -0.15 -11.01
CA ARG B 185 -28.57 0.88 -10.01
C ARG B 185 -28.50 0.22 -8.63
N ILE B 186 -27.60 0.70 -7.78
CA ILE B 186 -27.49 0.23 -6.37
C ILE B 186 -28.90 0.22 -5.75
N HIS B 187 -29.68 1.27 -5.98
CA HIS B 187 -31.00 1.52 -5.35
C HIS B 187 -32.04 0.47 -5.77
N ASP B 188 -31.85 -0.21 -6.91
CA ASP B 188 -32.85 -1.17 -7.46
C ASP B 188 -33.10 -2.30 -6.45
N LYS B 189 -32.03 -2.94 -5.96
CA LYS B 189 -32.09 -4.15 -5.10
C LYS B 189 -31.44 -3.88 -3.73
N CYS B 190 -31.05 -2.65 -3.43
CA CYS B 190 -30.54 -2.30 -2.08
C CYS B 190 -31.51 -2.85 -1.02
N TYR B 191 -31.00 -3.60 -0.04
CA TYR B 191 -31.85 -4.23 1.00
C TYR B 191 -32.52 -3.18 1.88
N ARG B 192 -32.10 -1.91 1.85
CA ARG B 192 -32.76 -0.82 2.64
C ARG B 192 -33.91 -0.18 1.85
N ARG B 193 -34.17 -0.64 0.63
CA ARG B 193 -35.20 -0.05 -0.27
C ARG B 193 -36.58 -0.04 0.39
N PRO B 194 -37.02 -1.08 1.14
CA PRO B 194 -38.32 -1.02 1.81
C PRO B 194 -38.42 0.17 2.79
N HIS B 195 -37.32 0.54 3.43
CA HIS B 195 -37.26 1.75 4.30
C HIS B 195 -37.42 3.01 3.43
N PHE B 196 -36.66 3.12 2.34
CA PHE B 196 -36.81 4.26 1.38
C PHE B 196 -38.29 4.40 0.98
N ASP B 197 -38.92 3.29 0.59
CA ASP B 197 -40.31 3.27 0.05
C ASP B 197 -41.30 3.73 1.14
N ALA B 198 -40.98 3.51 2.42
CA ALA B 198 -41.83 3.86 3.59
C ALA B 198 -41.45 5.23 4.16
N GLY B 199 -40.47 5.92 3.56
CA GLY B 199 -39.97 7.23 4.03
C GLY B 199 -39.26 7.11 5.38
N GLN B 200 -38.56 6.00 5.59
CA GLN B 200 -37.84 5.67 6.85
C GLN B 200 -36.34 5.92 6.63
N PHE B 201 -35.83 7.02 7.17
CA PHE B 201 -34.49 7.57 6.88
C PHE B 201 -33.68 7.80 8.14
N VAL B 202 -32.38 7.54 8.04
CA VAL B 202 -31.37 8.10 8.99
C VAL B 202 -31.31 9.62 8.78
N GLU B 203 -31.30 10.39 9.86
CA GLU B 203 -31.17 11.87 9.78
C GLU B 203 -29.84 12.34 10.41
N GLU B 204 -29.33 11.60 11.40
CA GLU B 204 -28.02 11.90 12.06
C GLU B 204 -27.31 10.58 12.29
N TRP B 205 -25.98 10.57 12.17
CA TRP B 205 -25.23 9.32 12.40
C TRP B 205 -25.61 8.75 13.77
N ASP B 206 -25.76 7.42 13.81
CA ASP B 206 -25.99 6.64 15.05
C ASP B 206 -27.27 7.09 15.74
N ASP B 207 -28.23 7.64 15.00
CA ASP B 207 -29.59 7.88 15.55
C ASP B 207 -30.31 6.53 15.62
N GLU B 208 -31.50 6.50 16.22
CA GLU B 208 -32.26 5.23 16.39
C GLU B 208 -32.49 4.63 15.00
N SER B 209 -32.76 5.46 14.00
CA SER B 209 -33.00 5.03 12.60
C SER B 209 -31.76 4.31 12.04
N ALA B 210 -30.56 4.82 12.30
CA ALA B 210 -29.30 4.20 11.85
C ALA B 210 -29.15 2.80 12.47
N ARG B 211 -29.50 2.66 13.75
CA ARG B 211 -29.38 1.38 14.47
C ARG B 211 -30.40 0.37 13.96
N LYS B 212 -31.46 0.83 13.27
CA LYS B 212 -32.50 -0.03 12.67
CA LYS B 212 -32.50 -0.05 12.66
C LYS B 212 -32.22 -0.26 11.18
N GLY B 213 -31.13 0.30 10.65
CA GLY B 213 -30.74 0.13 9.24
C GLY B 213 -31.69 0.84 8.29
N PHE B 214 -32.20 2.01 8.68
CA PHE B 214 -33.08 2.84 7.81
C PHE B 214 -32.28 3.36 6.61
N CYS B 215 -33.00 3.80 5.59
CA CYS B 215 -32.41 4.27 4.32
C CYS B 215 -31.46 5.44 4.56
N LEU B 216 -30.37 5.50 3.80
CA LEU B 216 -29.28 6.50 3.96
C LEU B 216 -29.41 7.65 2.95
N TYR B 217 -30.53 7.76 2.24
CA TYR B 217 -30.76 8.82 1.23
C TYR B 217 -30.47 10.21 1.83
N LYS B 218 -30.99 10.50 3.01
CA LYS B 218 -30.87 11.85 3.61
C LYS B 218 -29.47 12.07 4.20
N MET B 219 -28.65 11.01 4.27
CA MET B 219 -27.21 11.12 4.64
C MET B 219 -26.34 11.20 3.38
N GLY B 220 -26.94 11.34 2.20
CA GLY B 220 -26.22 11.63 0.95
C GLY B 220 -26.05 10.40 0.06
N CYS B 221 -26.69 9.28 0.35
CA CYS B 221 -26.55 8.05 -0.46
C CYS B 221 -26.82 8.36 -1.95
N LYS B 222 -25.87 8.00 -2.81
CA LYS B 222 -25.98 8.24 -4.27
C LYS B 222 -26.36 6.92 -4.97
N GLY B 223 -26.83 5.93 -4.22
CA GLY B 223 -27.33 4.66 -4.78
C GLY B 223 -28.35 4.86 -5.90
N PRO B 224 -29.30 5.82 -5.78
CA PRO B 224 -30.29 6.02 -6.83
C PRO B 224 -29.76 6.41 -8.21
N THR B 225 -28.52 6.91 -8.32
CA THR B 225 -27.93 7.39 -9.60
C THR B 225 -26.65 6.62 -9.95
N THR B 226 -26.38 5.50 -9.27
CA THR B 226 -25.10 4.77 -9.41
C THR B 226 -25.34 3.35 -9.91
N TYR B 227 -24.72 2.98 -11.02
CA TYR B 227 -24.79 1.62 -11.61
C TYR B 227 -23.59 0.80 -11.14
N ASN B 228 -23.87 -0.29 -10.44
CA ASN B 228 -22.83 -1.25 -9.98
C ASN B 228 -23.55 -2.49 -9.46
N ALA B 229 -22.80 -3.52 -9.08
CA ALA B 229 -23.35 -4.81 -8.60
C ALA B 229 -23.29 -4.90 -7.07
N CYS B 230 -23.01 -3.80 -6.38
CA CYS B 230 -22.69 -3.81 -4.93
C CYS B 230 -23.85 -4.32 -4.08
N SER B 231 -25.10 -4.06 -4.46
CA SER B 231 -26.29 -4.39 -3.64
CA SER B 231 -26.26 -4.40 -3.60
C SER B 231 -26.56 -5.91 -3.64
N THR B 232 -26.10 -6.62 -4.67
CA THR B 232 -26.43 -8.06 -4.87
C THR B 232 -25.17 -8.91 -4.74
N THR B 233 -24.19 -8.69 -5.61
CA THR B 233 -22.87 -9.38 -5.56
C THR B 233 -22.16 -9.04 -4.25
N ARG B 234 -22.21 -7.77 -3.86
CA ARG B 234 -21.55 -7.24 -2.64
C ARG B 234 -20.03 -7.46 -2.73
N TRP B 235 -19.35 -7.19 -1.62
CA TRP B 235 -17.88 -7.01 -1.56
C TRP B 235 -17.23 -8.12 -0.75
N ASN B 236 -16.05 -8.54 -1.18
CA ASN B 236 -15.16 -9.44 -0.41
C ASN B 236 -15.91 -10.76 -0.16
N GLU B 237 -16.24 -11.45 -1.25
CA GLU B 237 -17.03 -12.71 -1.24
C GLU B 237 -18.38 -12.44 -0.56
N GLY B 238 -19.07 -11.37 -0.97
CA GLY B 238 -20.47 -11.12 -0.56
C GLY B 238 -20.62 -10.85 0.92
N THR B 239 -19.61 -10.26 1.57
CA THR B 239 -19.59 -10.04 3.04
C THR B 239 -20.44 -8.81 3.38
N SER B 240 -20.27 -7.72 2.64
CA SER B 240 -20.99 -6.46 2.91
C SER B 240 -20.93 -5.54 1.69
N PHE B 241 -21.45 -4.34 1.83
CA PHE B 241 -21.21 -3.22 0.91
C PHE B 241 -21.39 -1.94 1.71
N CYS B 242 -21.10 -0.81 1.09
CA CYS B 242 -21.05 0.50 1.79
C CYS B 242 -22.31 0.66 2.66
N ILE B 243 -23.48 0.46 2.07
CA ILE B 243 -24.78 0.74 2.73
C ILE B 243 -25.02 -0.27 3.86
N GLN B 244 -24.75 -1.55 3.64
CA GLN B 244 -24.95 -2.58 4.69
C GLN B 244 -24.13 -2.21 5.93
N SER B 245 -22.93 -1.68 5.72
CA SER B 245 -22.02 -1.29 6.84
C SER B 245 -22.30 0.13 7.34
N GLY B 246 -23.28 0.83 6.76
CA GLY B 246 -23.87 2.04 7.37
C GLY B 246 -23.50 3.35 6.70
N HIS B 247 -22.71 3.35 5.63
CA HIS B 247 -22.36 4.60 4.90
C HIS B 247 -23.11 4.64 3.58
N GLY B 248 -23.65 5.79 3.19
CA GLY B 248 -24.26 5.92 1.87
C GLY B 248 -23.28 5.59 0.76
N CYS B 249 -23.78 5.10 -0.36
CA CYS B 249 -23.02 5.05 -1.62
C CYS B 249 -22.52 6.46 -1.93
N ILE B 250 -21.23 6.60 -2.30
CA ILE B 250 -20.66 7.92 -2.70
C ILE B 250 -20.63 8.03 -4.23
N GLY B 251 -21.13 7.01 -4.94
CA GLY B 251 -21.31 7.06 -6.40
C GLY B 251 -20.06 6.67 -7.16
N CYS B 252 -19.21 5.80 -6.58
CA CYS B 252 -17.79 5.70 -6.99
C CYS B 252 -17.61 5.04 -8.37
N SER B 253 -18.64 4.42 -8.96
CA SER B 253 -18.53 3.84 -10.31
C SER B 253 -19.00 4.82 -11.39
N GLU B 254 -19.47 6.01 -11.01
CA GLU B 254 -20.04 6.99 -11.99
C GLU B 254 -18.99 8.05 -12.36
N ASP B 255 -18.99 8.41 -13.63
CA ASP B 255 -18.12 9.45 -14.23
C ASP B 255 -18.25 10.75 -13.42
N GLY B 256 -17.15 11.25 -12.87
CA GLY B 256 -17.08 12.58 -12.24
C GLY B 256 -17.73 12.63 -10.86
N PHE B 257 -17.76 11.50 -10.14
CA PHE B 257 -18.50 11.40 -8.85
C PHE B 257 -17.87 12.30 -7.78
N TRP B 258 -16.60 12.67 -7.91
CA TRP B 258 -15.92 13.58 -6.94
C TRP B 258 -16.44 15.01 -7.03
N ASP B 259 -17.03 15.39 -8.16
CA ASP B 259 -17.42 16.80 -8.43
C ASP B 259 -18.94 16.91 -8.55
N LYS B 260 -19.68 16.05 -7.86
CA LYS B 260 -21.17 16.10 -7.83
CA LYS B 260 -21.17 16.09 -7.82
C LYS B 260 -21.65 16.56 -6.45
N GLY B 261 -20.84 17.38 -5.78
CA GLY B 261 -21.18 17.95 -4.46
C GLY B 261 -20.73 17.05 -3.32
N SER B 262 -20.94 17.50 -2.10
CA SER B 262 -20.57 16.73 -0.88
C SER B 262 -21.20 15.34 -0.96
N PHE B 263 -20.46 14.33 -0.51
CA PHE B 263 -20.98 12.95 -0.39
C PHE B 263 -22.17 12.93 0.58
N TYR B 264 -22.28 13.91 1.48
CA TYR B 264 -23.31 13.92 2.55
C TYR B 264 -24.50 14.80 2.18
N ASP B 265 -24.47 15.44 1.01
CA ASP B 265 -25.64 16.22 0.52
C ASP B 265 -26.56 15.27 -0.23
N ARG B 266 -27.82 15.22 0.19
CA ARG B 266 -28.82 14.32 -0.43
C ARG B 266 -29.04 14.74 -1.88
N LEU B 267 -29.44 13.78 -2.71
CA LEU B 267 -29.98 14.04 -4.07
C LEU B 267 -31.25 14.89 -3.94
N THR B 268 -31.52 15.73 -4.92
CA THR B 268 -32.74 16.58 -5.01
C THR B 268 -33.85 15.80 -5.71
N GLY B 269 -35.11 16.15 -5.43
CA GLY B 269 -36.30 15.53 -6.03
C GLY B 269 -36.35 14.04 -5.74
N ILE B 270 -36.56 13.67 -4.47
CA ILE B 270 -36.66 12.25 -4.00
C ILE B 270 -37.78 11.54 -4.76
#